data_4GIM
#
_entry.id   4GIM
#
_cell.length_a   60.657
_cell.length_b   76.511
_cell.length_c   199.162
_cell.angle_alpha   90.00
_cell.angle_beta   90.00
_cell.angle_gamma   90.00
#
_symmetry.space_group_name_H-M   'P 21 21 21'
#
loop_
_entity.id
_entity.type
_entity.pdbx_description
1 polymer "Pseudouridine-5'-phosphate glycosidase"
2 non-polymer "PSEUDOURIDINE-5'-MONOPHOSPHATE"
3 non-polymer 'MANGANESE (II) ION'
4 water water
#
_entity_poly.entity_id   1
_entity_poly.type   'polypeptide(L)'
_entity_poly.pdbx_seq_one_letter_code
;MGSDKIHHHHHHSSGENLYFQGHMSELKISPELLQISPEVQDALKNKKPVVALESTIISHGMPFPQNAQTAIEVEETIRK
QGAVPATIAIIGGVMKVGLSKEEIELLGREGHNVTKVSRRDLPFVVAAGKNGATTVASTMIIAALAGIKVFATGGIGGVH
RGAEHTFDISADLQELANTNVTVVCAGAASILDLGLTTEYLETFGVPLIGYQTKALPAFFCRTSPFDVSIRLDSASEIAR
AMVVKWQSGLNGGLVVANPIPEQFAMPEHTINAAIDQAVAEAEAQGVIGKESTPFLLARVAELTGGDSLKSNIQLVFNNA
ILASEIAKEYQRLAG
;
_entity_poly.pdbx_strand_id   A,B,C
#
# COMPACT_ATOMS: atom_id res chain seq x y z
N ILE A 29 -8.94 -23.65 6.99
CA ILE A 29 -9.94 -22.80 7.63
C ILE A 29 -11.15 -23.60 8.13
N SER A 30 -11.70 -23.17 9.26
CA SER A 30 -12.72 -23.94 9.95
C SER A 30 -13.96 -24.13 9.09
N PRO A 31 -14.62 -25.36 9.27
CA PRO A 31 -15.82 -25.49 8.43
C PRO A 31 -16.79 -24.39 8.77
N GLU A 32 -16.82 -24.01 10.04
CA GLU A 32 -17.71 -22.96 10.50
C GLU A 32 -17.43 -21.65 9.80
N LEU A 33 -16.16 -21.31 9.57
CA LEU A 33 -15.86 -20.06 8.87
C LEU A 33 -16.18 -20.03 7.37
N LEU A 34 -15.84 -21.11 6.68
CA LEU A 34 -15.87 -21.15 5.23
C LEU A 34 -16.47 -22.46 4.72
N GLN A 35 -17.53 -22.35 3.92
CA GLN A 35 -18.16 -23.52 3.33
C GLN A 35 -18.26 -23.38 1.82
N ILE A 36 -17.75 -24.38 1.12
CA ILE A 36 -17.78 -24.42 -0.34
C ILE A 36 -18.83 -25.45 -0.73
N SER A 37 -19.71 -25.08 -1.65
CA SER A 37 -20.82 -25.98 -1.98
C SER A 37 -20.31 -27.25 -2.67
N PRO A 38 -21.05 -28.36 -2.53
CA PRO A 38 -20.64 -29.61 -3.17
C PRO A 38 -20.35 -29.44 -4.66
N GLU A 39 -21.21 -28.73 -5.39
CA GLU A 39 -20.96 -28.54 -6.82
C GLU A 39 -19.58 -27.90 -7.06
N VAL A 40 -19.28 -26.85 -6.32
CA VAL A 40 -18.02 -26.16 -6.48
C VAL A 40 -16.85 -27.05 -6.02
N GLN A 41 -17.04 -27.74 -4.90
CA GLN A 41 -16.01 -28.65 -4.43
C GLN A 41 -15.66 -29.67 -5.51
N ASP A 42 -16.67 -30.28 -6.12
CA ASP A 42 -16.47 -31.27 -7.17
C ASP A 42 -15.78 -30.65 -8.38
N ALA A 43 -16.21 -29.45 -8.76
CA ALA A 43 -15.57 -28.74 -9.85
C ALA A 43 -14.07 -28.57 -9.61
N LEU A 44 -13.71 -28.14 -8.41
CA LEU A 44 -12.29 -27.92 -8.08
C LEU A 44 -11.51 -29.24 -7.99
N LYS A 45 -12.12 -30.25 -7.38
CA LYS A 45 -11.51 -31.57 -7.30
C LYS A 45 -11.26 -32.12 -8.70
N ASN A 46 -12.24 -31.96 -9.58
CA ASN A 46 -12.20 -32.53 -10.91
C ASN A 46 -11.55 -31.62 -11.96
N LYS A 47 -10.98 -30.52 -11.50
CA LYS A 47 -10.22 -29.61 -12.36
C LYS A 47 -11.10 -28.94 -13.43
N LYS A 48 -12.36 -28.75 -13.11
CA LYS A 48 -13.27 -28.01 -13.98
C LYS A 48 -13.15 -26.50 -13.72
N PRO A 49 -13.27 -25.70 -14.79
CA PRO A 49 -13.14 -24.24 -14.66
C PRO A 49 -14.29 -23.62 -13.86
N VAL A 50 -13.94 -22.81 -12.87
CA VAL A 50 -14.91 -22.18 -11.98
C VAL A 50 -14.82 -20.66 -12.09
N VAL A 51 -15.96 -19.98 -12.03
CA VAL A 51 -16.01 -18.52 -12.09
C VAL A 51 -16.74 -17.99 -10.87
N ALA A 52 -16.04 -17.22 -10.05
CA ALA A 52 -16.65 -16.61 -8.87
C ALA A 52 -17.55 -15.46 -9.26
N LEU A 53 -18.57 -15.18 -8.44
CA LEU A 53 -19.43 -14.02 -8.61
C LEU A 53 -19.59 -13.31 -7.27
N GLU A 54 -19.83 -12.01 -7.27
CA GLU A 54 -20.01 -11.27 -6.01
C GLU A 54 -21.48 -11.13 -5.61
N SER A 55 -21.70 -10.68 -4.38
CA SER A 55 -23.06 -10.42 -3.90
C SER A 55 -23.48 -8.96 -3.61
N THR A 56 -22.53 -8.02 -3.55
CA THR A 56 -22.89 -6.63 -3.30
C THR A 56 -23.71 -6.11 -4.49
N ILE A 57 -23.31 -6.55 -5.68
CA ILE A 57 -24.06 -6.20 -6.88
C ILE A 57 -25.55 -6.57 -6.70
N ILE A 58 -25.82 -7.68 -6.01
CA ILE A 58 -27.19 -8.15 -5.83
C ILE A 58 -27.94 -7.28 -4.81
N SER A 59 -27.36 -7.12 -3.64
CA SER A 59 -28.07 -6.44 -2.57
C SER A 59 -28.07 -4.92 -2.72
N HIS A 60 -26.91 -4.38 -3.10
CA HIS A 60 -26.74 -2.94 -3.27
C HIS A 60 -26.56 -2.36 -4.68
N GLY A 61 -26.33 -3.21 -5.67
CA GLY A 61 -26.00 -2.74 -7.01
C GLY A 61 -27.20 -2.68 -7.93
N MET A 62 -28.26 -3.36 -7.52
CA MET A 62 -29.45 -3.50 -8.38
C MET A 62 -30.70 -3.61 -7.51
N PRO A 63 -31.85 -3.12 -8.02
CA PRO A 63 -33.13 -3.21 -7.30
C PRO A 63 -33.73 -4.61 -7.41
N PHE A 64 -34.68 -4.92 -6.53
CA PHE A 64 -35.48 -6.12 -6.66
C PHE A 64 -36.62 -5.82 -7.63
N PRO A 65 -37.06 -6.83 -8.41
CA PRO A 65 -36.62 -8.21 -8.61
C PRO A 65 -35.36 -8.40 -9.46
N GLN A 66 -34.95 -7.38 -10.20
CA GLN A 66 -33.90 -7.56 -11.19
C GLN A 66 -32.60 -8.13 -10.61
N ASN A 67 -32.32 -7.78 -9.36
CA ASN A 67 -31.07 -8.22 -8.72
C ASN A 67 -30.88 -9.74 -8.63
N ALA A 68 -31.83 -10.43 -7.99
CA ALA A 68 -31.81 -11.89 -7.93
C ALA A 68 -31.99 -12.56 -9.30
N GLN A 69 -32.89 -12.01 -10.15
CA GLN A 69 -33.07 -12.53 -11.50
C GLN A 69 -31.73 -12.57 -12.22
N THR A 70 -31.03 -11.46 -12.17
CA THR A 70 -29.74 -11.34 -12.83
C THR A 70 -28.72 -12.30 -12.22
N ALA A 71 -28.66 -12.38 -10.90
CA ALA A 71 -27.68 -13.28 -10.27
C ALA A 71 -27.88 -14.77 -10.69
N ILE A 72 -29.15 -15.18 -10.77
CA ILE A 72 -29.48 -16.53 -11.19
C ILE A 72 -29.15 -16.76 -12.66
N GLU A 73 -29.55 -15.79 -13.48
CA GLU A 73 -29.27 -15.87 -14.91
C GLU A 73 -27.77 -15.88 -15.24
N VAL A 74 -26.98 -15.13 -14.47
CA VAL A 74 -25.54 -15.11 -14.71
C VAL A 74 -24.91 -16.45 -14.35
N GLU A 75 -25.39 -17.06 -13.26
CA GLU A 75 -25.00 -18.45 -12.99
C GLU A 75 -25.30 -19.38 -14.18
N GLU A 76 -26.53 -19.29 -14.69
CA GLU A 76 -26.89 -20.13 -15.83
C GLU A 76 -26.03 -19.86 -17.08
N THR A 77 -25.70 -18.59 -17.29
CA THR A 77 -24.85 -18.17 -18.39
C THR A 77 -23.52 -18.87 -18.31
N ILE A 78 -22.93 -18.86 -17.12
CA ILE A 78 -21.66 -19.56 -16.90
C ILE A 78 -21.76 -21.07 -17.15
N ARG A 79 -22.80 -21.71 -16.62
CA ARG A 79 -22.97 -23.13 -16.92
C ARG A 79 -23.10 -23.42 -18.42
N LYS A 80 -23.81 -22.56 -19.14
CA LYS A 80 -24.05 -22.79 -20.57
C LYS A 80 -22.72 -22.73 -21.35
N GLN A 81 -21.76 -22.00 -20.79
CA GLN A 81 -20.44 -21.84 -21.39
C GLN A 81 -19.51 -23.00 -21.03
N GLY A 82 -20.01 -23.93 -20.21
CA GLY A 82 -19.23 -25.08 -19.81
C GLY A 82 -18.37 -24.87 -18.58
N ALA A 83 -18.63 -23.80 -17.83
CA ALA A 83 -17.90 -23.56 -16.59
C ALA A 83 -18.86 -23.68 -15.41
N VAL A 84 -18.32 -23.56 -14.20
CA VAL A 84 -19.12 -23.74 -13.00
C VAL A 84 -19.14 -22.45 -12.19
N PRO A 85 -20.32 -21.86 -12.00
CA PRO A 85 -20.40 -20.60 -11.24
C PRO A 85 -20.23 -20.83 -9.73
N ALA A 86 -19.62 -19.88 -9.04
CA ALA A 86 -19.65 -19.89 -7.59
C ALA A 86 -19.98 -18.48 -7.08
N THR A 87 -21.21 -18.28 -6.63
CA THR A 87 -21.55 -16.96 -6.12
C THR A 87 -21.11 -16.95 -4.67
N ILE A 88 -20.52 -15.84 -4.25
CA ILE A 88 -19.95 -15.77 -2.91
C ILE A 88 -20.72 -14.78 -2.07
N ALA A 89 -20.99 -15.16 -0.82
CA ALA A 89 -21.62 -14.21 0.10
C ALA A 89 -21.39 -14.70 1.51
N ILE A 90 -21.80 -13.94 2.51
CA ILE A 90 -21.74 -14.41 3.88
C ILE A 90 -23.16 -14.72 4.34
N ILE A 91 -23.41 -15.96 4.73
CA ILE A 91 -24.74 -16.43 5.10
C ILE A 91 -24.70 -16.94 6.52
N GLY A 92 -25.44 -16.27 7.40
CA GLY A 92 -25.47 -16.64 8.80
C GLY A 92 -24.08 -16.74 9.41
N GLY A 93 -23.21 -15.81 9.05
CA GLY A 93 -21.87 -15.76 9.60
C GLY A 93 -20.86 -16.66 8.90
N VAL A 94 -21.32 -17.42 7.90
CA VAL A 94 -20.42 -18.33 7.20
C VAL A 94 -20.03 -17.75 5.84
N MET A 95 -18.72 -17.77 5.53
CA MET A 95 -18.30 -17.35 4.20
C MET A 95 -18.65 -18.48 3.24
N LYS A 96 -19.53 -18.20 2.30
CA LYS A 96 -20.06 -19.24 1.42
C LYS A 96 -19.58 -19.04 -0.01
N VAL A 97 -18.98 -20.11 -0.53
CA VAL A 97 -18.61 -20.20 -1.93
C VAL A 97 -19.57 -21.17 -2.62
N GLY A 98 -20.45 -20.57 -3.42
CA GLY A 98 -21.53 -21.22 -4.10
C GLY A 98 -22.75 -21.08 -3.21
N LEU A 99 -23.86 -20.69 -3.82
CA LEU A 99 -25.04 -20.37 -3.04
C LEU A 99 -26.21 -21.12 -3.62
N SER A 100 -27.22 -21.37 -2.79
CA SER A 100 -28.50 -21.90 -3.24
C SER A 100 -29.28 -20.80 -3.93
N LYS A 101 -30.29 -21.19 -4.70
CA LYS A 101 -31.19 -20.20 -5.29
C LYS A 101 -31.90 -19.40 -4.22
N GLU A 102 -32.29 -20.06 -3.13
CA GLU A 102 -32.99 -19.40 -2.03
C GLU A 102 -32.13 -18.32 -1.36
N GLU A 103 -30.84 -18.60 -1.21
CA GLU A 103 -29.94 -17.62 -0.62
C GLU A 103 -29.79 -16.38 -1.49
N ILE A 104 -29.67 -16.59 -2.80
CA ILE A 104 -29.61 -15.48 -3.75
C ILE A 104 -30.89 -14.65 -3.69
N GLU A 105 -32.03 -15.35 -3.69
CA GLU A 105 -33.31 -14.65 -3.59
C GLU A 105 -33.38 -13.84 -2.30
N LEU A 106 -32.87 -14.40 -1.20
CA LEU A 106 -32.79 -13.70 0.08
C LEU A 106 -32.01 -12.40 -0.04
N LEU A 107 -30.79 -12.49 -0.58
CA LEU A 107 -29.96 -11.31 -0.76
C LEU A 107 -30.66 -10.24 -1.60
N GLY A 108 -31.34 -10.68 -2.67
CA GLY A 108 -32.12 -9.78 -3.50
C GLY A 108 -33.31 -9.11 -2.82
N ARG A 109 -34.10 -9.88 -2.06
CA ARG A 109 -35.27 -9.34 -1.39
C ARG A 109 -34.90 -8.41 -0.23
N GLU A 110 -33.88 -8.81 0.54
CA GLU A 110 -33.46 -8.05 1.69
C GLU A 110 -32.74 -6.77 1.25
N GLY A 111 -32.00 -6.86 0.15
CA GLY A 111 -31.40 -5.66 -0.41
C GLY A 111 -30.51 -4.92 0.56
N HIS A 112 -30.82 -3.64 0.78
CA HIS A 112 -29.96 -2.80 1.63
C HIS A 112 -29.95 -3.24 3.08
N ASN A 113 -30.92 -4.08 3.47
CA ASN A 113 -30.93 -4.57 4.84
C ASN A 113 -29.84 -5.58 5.12
N VAL A 114 -29.22 -6.07 4.05
CA VAL A 114 -28.03 -6.91 4.17
C VAL A 114 -26.81 -6.00 4.21
N THR A 115 -25.89 -6.29 5.12
CA THR A 115 -24.67 -5.51 5.24
C THR A 115 -23.81 -5.63 4.00
N LYS A 116 -23.37 -4.49 3.49
CA LYS A 116 -22.39 -4.43 2.41
C LYS A 116 -21.03 -4.70 3.01
N VAL A 117 -20.31 -5.69 2.50
CA VAL A 117 -19.12 -6.16 3.19
C VAL A 117 -17.85 -6.01 2.35
N SER A 118 -16.98 -5.09 2.75
CA SER A 118 -15.66 -4.95 2.17
C SER A 118 -14.67 -5.59 3.14
N ARG A 119 -13.38 -5.49 2.85
CA ARG A 119 -12.35 -6.08 3.72
C ARG A 119 -12.46 -5.66 5.19
N ARG A 120 -12.70 -4.38 5.44
CA ARG A 120 -12.76 -3.89 6.83
C ARG A 120 -14.02 -4.36 7.57
N ASP A 121 -15.05 -4.71 6.82
CA ASP A 121 -16.32 -5.23 7.38
C ASP A 121 -16.36 -6.73 7.67
N LEU A 122 -15.61 -7.52 6.89
CA LEU A 122 -15.77 -8.98 6.88
C LEU A 122 -15.70 -9.68 8.24
N PRO A 123 -14.72 -9.32 9.08
CA PRO A 123 -14.60 -10.08 10.33
C PRO A 123 -15.86 -10.00 11.20
N PHE A 124 -16.53 -8.86 11.16
CA PHE A 124 -17.61 -8.60 12.10
C PHE A 124 -18.92 -9.27 11.69
N VAL A 125 -19.17 -9.35 10.40
CA VAL A 125 -20.36 -10.04 9.91
C VAL A 125 -20.24 -11.53 10.19
N VAL A 126 -19.03 -12.06 10.01
CA VAL A 126 -18.77 -13.46 10.29
C VAL A 126 -18.88 -13.73 11.78
N ALA A 127 -18.24 -12.88 12.58
CA ALA A 127 -18.27 -13.07 14.03
C ALA A 127 -19.68 -12.98 14.61
N ALA A 128 -20.51 -12.12 14.03
CA ALA A 128 -21.83 -11.86 14.57
C ALA A 128 -22.91 -12.81 14.00
N GLY A 129 -22.48 -13.73 13.13
CA GLY A 129 -23.38 -14.73 12.59
C GLY A 129 -24.42 -14.18 11.62
N LYS A 130 -24.09 -13.06 10.98
CA LYS A 130 -25.04 -12.38 10.14
C LYS A 130 -24.84 -12.67 8.66
N ASN A 131 -25.74 -12.13 7.85
CA ASN A 131 -25.65 -12.23 6.41
C ASN A 131 -24.88 -11.02 5.91
N GLY A 132 -24.11 -11.19 4.84
CA GLY A 132 -23.50 -10.03 4.23
C GLY A 132 -23.28 -10.21 2.74
N ALA A 133 -23.31 -9.10 2.03
CA ALA A 133 -23.12 -9.12 0.59
C ALA A 133 -21.71 -8.64 0.31
N THR A 134 -20.90 -9.48 -0.32
CA THR A 134 -19.47 -9.20 -0.45
C THR A 134 -19.15 -8.40 -1.71
N THR A 135 -18.31 -7.36 -1.55
CA THR A 135 -17.89 -6.51 -2.65
C THR A 135 -16.82 -7.22 -3.47
N VAL A 136 -16.31 -6.57 -4.50
CA VAL A 136 -15.22 -7.15 -5.26
C VAL A 136 -14.08 -7.53 -4.31
N ALA A 137 -13.76 -6.63 -3.36
CA ALA A 137 -12.65 -6.90 -2.44
C ALA A 137 -12.85 -8.18 -1.61
N SER A 138 -14.00 -8.28 -0.92
CA SER A 138 -14.29 -9.44 -0.10
C SER A 138 -14.48 -10.72 -0.92
N THR A 139 -15.07 -10.57 -2.11
CA THR A 139 -15.26 -11.72 -2.99
C THR A 139 -13.91 -12.24 -3.47
N MET A 140 -12.99 -11.33 -3.79
CA MET A 140 -11.62 -11.75 -4.13
C MET A 140 -10.99 -12.51 -2.97
N ILE A 141 -11.10 -11.94 -1.77
CA ILE A 141 -10.54 -12.63 -0.61
C ILE A 141 -11.06 -14.07 -0.49
N ILE A 142 -12.39 -14.22 -0.52
CA ILE A 142 -12.99 -15.52 -0.33
C ILE A 142 -12.68 -16.49 -1.49
N ALA A 143 -12.74 -15.99 -2.72
CA ALA A 143 -12.40 -16.77 -3.91
C ALA A 143 -10.98 -17.31 -3.77
N ALA A 144 -10.05 -16.45 -3.38
CA ALA A 144 -8.68 -16.87 -3.17
C ALA A 144 -8.57 -17.93 -2.06
N LEU A 145 -9.35 -17.80 -0.99
CA LEU A 145 -9.35 -18.86 0.03
C LEU A 145 -9.77 -20.21 -0.55
N ALA A 146 -10.61 -20.18 -1.58
CA ALA A 146 -11.16 -21.41 -2.14
C ALA A 146 -10.37 -21.90 -3.36
N GLY A 147 -9.32 -21.17 -3.73
CA GLY A 147 -8.49 -21.55 -4.85
C GLY A 147 -9.06 -21.15 -6.20
N ILE A 148 -10.01 -20.22 -6.20
CA ILE A 148 -10.63 -19.75 -7.44
C ILE A 148 -9.91 -18.50 -8.01
N LYS A 149 -9.41 -18.63 -9.24
CA LYS A 149 -8.59 -17.57 -9.86
C LYS A 149 -9.35 -16.60 -10.75
N VAL A 150 -10.60 -16.91 -11.10
CA VAL A 150 -11.35 -16.07 -12.04
C VAL A 150 -12.68 -15.66 -11.44
N PHE A 151 -12.99 -14.37 -11.54
CA PHE A 151 -14.14 -13.75 -10.87
C PHE A 151 -14.80 -12.79 -11.86
N ALA A 152 -16.07 -13.01 -12.20
CA ALA A 152 -16.80 -12.08 -13.05
C ALA A 152 -17.64 -11.12 -12.21
N THR A 153 -17.65 -9.85 -12.57
CA THR A 153 -18.54 -8.86 -11.95
C THR A 153 -19.04 -7.88 -13.02
N GLY A 154 -19.75 -6.83 -12.61
CA GLY A 154 -20.11 -5.74 -13.50
C GLY A 154 -19.07 -4.67 -13.63
N GLY A 155 -18.77 -4.00 -12.52
CA GLY A 155 -17.74 -2.98 -12.57
C GLY A 155 -17.05 -3.01 -11.24
N ILE A 156 -15.76 -2.67 -11.25
CA ILE A 156 -14.98 -2.62 -10.03
C ILE A 156 -15.13 -1.30 -9.34
N GLY A 157 -14.90 -1.29 -8.02
CA GLY A 157 -14.69 -0.04 -7.32
C GLY A 157 -13.39 0.59 -7.79
N GLY A 158 -13.19 1.86 -7.45
CA GLY A 158 -12.06 2.62 -7.95
C GLY A 158 -11.87 3.94 -7.22
N VAL A 159 -11.16 4.86 -7.86
CA VAL A 159 -10.96 6.21 -7.32
C VAL A 159 -12.18 7.07 -7.61
N HIS A 160 -12.76 7.65 -6.57
CA HIS A 160 -13.93 8.47 -6.75
C HIS A 160 -13.60 9.87 -7.29
N ARG A 161 -14.55 10.45 -8.01
CA ARG A 161 -14.41 11.84 -8.40
C ARG A 161 -14.23 12.70 -7.17
N GLY A 162 -13.21 13.56 -7.19
CA GLY A 162 -12.87 14.38 -6.05
C GLY A 162 -11.91 13.74 -5.06
N ALA A 163 -11.42 12.54 -5.36
CA ALA A 163 -10.61 11.80 -4.37
C ALA A 163 -9.30 12.50 -4.06
N GLU A 164 -8.83 13.35 -4.97
CA GLU A 164 -7.61 14.09 -4.68
C GLU A 164 -7.78 14.95 -3.44
N HIS A 165 -8.99 15.44 -3.19
CA HIS A 165 -9.26 16.03 -1.88
C HIS A 165 -10.05 15.23 -0.84
N THR A 166 -10.80 14.21 -1.26
CA THR A 166 -11.61 13.45 -0.27
C THR A 166 -10.98 12.15 0.21
N PHE A 167 -9.95 11.71 -0.51
CA PHE A 167 -9.34 10.38 -0.30
C PHE A 167 -10.30 9.20 -0.46
N ASP A 168 -11.39 9.37 -1.20
CA ASP A 168 -12.34 8.28 -1.26
C ASP A 168 -11.87 7.37 -2.39
N ILE A 169 -11.28 6.24 -2.01
CA ILE A 169 -10.68 5.30 -2.93
C ILE A 169 -11.09 3.90 -2.50
N SER A 170 -11.67 3.15 -3.43
CA SER A 170 -12.19 1.83 -3.07
C SER A 170 -11.12 0.88 -2.55
N ALA A 171 -11.45 0.16 -1.49
CA ALA A 171 -10.62 -0.93 -1.00
C ALA A 171 -10.44 -2.02 -2.06
N ASP A 172 -11.30 -2.02 -3.07
CA ASP A 172 -11.14 -2.92 -4.20
C ASP A 172 -9.77 -2.77 -4.83
N LEU A 173 -9.28 -1.53 -4.89
CA LEU A 173 -7.99 -1.30 -5.55
C LEU A 173 -6.83 -1.94 -4.75
N GLN A 174 -6.91 -1.91 -3.43
CA GLN A 174 -5.88 -2.54 -2.60
C GLN A 174 -6.00 -4.06 -2.66
N GLU A 175 -7.20 -4.54 -2.84
CA GLU A 175 -7.35 -5.99 -2.97
C GLU A 175 -6.73 -6.42 -4.28
N LEU A 176 -6.94 -5.65 -5.33
CA LEU A 176 -6.34 -5.97 -6.62
C LEU A 176 -4.82 -5.97 -6.53
N ALA A 177 -4.32 -5.14 -5.64
CA ALA A 177 -2.89 -4.99 -5.50
C ALA A 177 -2.24 -6.20 -4.90
N ASN A 178 -3.02 -6.94 -4.12
CA ASN A 178 -2.45 -7.93 -3.26
C ASN A 178 -3.00 -9.36 -3.36
N THR A 179 -4.20 -9.53 -3.86
CA THR A 179 -4.84 -10.82 -3.83
C THR A 179 -4.98 -11.44 -5.21
N ASN A 180 -4.65 -12.72 -5.31
CA ASN A 180 -4.43 -13.36 -6.59
C ASN A 180 -5.75 -13.80 -7.25
N VAL A 181 -6.35 -12.91 -8.00
CA VAL A 181 -7.60 -13.20 -8.68
C VAL A 181 -7.71 -12.28 -9.89
N THR A 182 -8.17 -12.83 -11.01
CA THR A 182 -8.49 -12.03 -12.18
C THR A 182 -9.95 -11.62 -12.08
N VAL A 183 -10.20 -10.32 -12.16
CA VAL A 183 -11.54 -9.78 -12.08
C VAL A 183 -11.96 -9.24 -13.45
N VAL A 184 -12.99 -9.87 -14.03
CA VAL A 184 -13.50 -9.43 -15.33
C VAL A 184 -14.67 -8.48 -15.10
N CYS A 185 -14.55 -7.28 -15.66
CA CYS A 185 -15.54 -6.22 -15.49
C CYS A 185 -15.63 -5.49 -16.81
N ALA A 186 -16.54 -4.53 -16.86
CA ALA A 186 -16.70 -3.60 -17.98
C ALA A 186 -15.93 -2.30 -17.75
N GLY A 187 -14.82 -2.40 -17.01
CA GLY A 187 -14.18 -1.21 -16.47
C GLY A 187 -15.04 -0.79 -15.30
N ALA A 188 -15.30 0.50 -15.20
CA ALA A 188 -16.23 1.04 -14.22
C ALA A 188 -16.89 2.24 -14.82
N ALA A 189 -18.06 2.60 -14.30
CA ALA A 189 -18.75 3.77 -14.83
C ALA A 189 -18.03 5.06 -14.46
N SER A 190 -18.38 6.12 -15.18
CA SER A 190 -17.74 7.42 -15.01
C SER A 190 -18.29 8.12 -13.79
N ILE A 191 -19.09 7.43 -13.00
CA ILE A 191 -19.34 7.88 -11.63
C ILE A 191 -18.03 7.93 -10.87
N LEU A 192 -17.03 7.18 -11.34
CA LEU A 192 -15.71 7.24 -10.73
C LEU A 192 -14.77 8.10 -11.56
N ASP A 193 -13.58 8.37 -11.02
CA ASP A 193 -12.59 9.08 -11.81
C ASP A 193 -11.73 8.00 -12.44
N LEU A 194 -11.92 7.78 -13.74
CA LEU A 194 -11.26 6.64 -14.37
C LEU A 194 -9.78 6.96 -14.61
N GLY A 195 -9.47 8.23 -14.86
CA GLY A 195 -8.08 8.64 -15.04
C GLY A 195 -7.23 8.34 -13.80
N LEU A 196 -7.71 8.85 -12.66
CA LEU A 196 -7.02 8.61 -11.38
C LEU A 196 -6.95 7.12 -11.10
N THR A 197 -8.01 6.39 -11.46
CA THR A 197 -8.02 4.93 -11.24
C THR A 197 -6.90 4.23 -12.04
N THR A 198 -6.73 4.60 -13.31
CA THR A 198 -5.64 4.02 -14.10
C THR A 198 -4.26 4.34 -13.50
N GLU A 199 -4.10 5.57 -13.01
CA GLU A 199 -2.80 5.90 -12.38
C GLU A 199 -2.56 5.04 -11.12
N TYR A 200 -3.62 4.88 -10.34
CA TYR A 200 -3.53 4.14 -9.08
C TYR A 200 -3.16 2.69 -9.34
N LEU A 201 -3.81 2.08 -10.33
CA LEU A 201 -3.52 0.69 -10.69
C LEU A 201 -2.06 0.56 -11.10
N GLU A 202 -1.55 1.53 -11.86
CA GLU A 202 -0.13 1.43 -12.26
C GLU A 202 0.80 1.48 -11.05
N THR A 203 0.57 2.43 -10.15
CA THR A 203 1.45 2.56 -8.98
C THR A 203 1.48 1.26 -8.17
N PHE A 204 0.33 0.61 -8.06
CA PHE A 204 0.21 -0.60 -7.27
C PHE A 204 0.48 -1.92 -8.03
N GLY A 205 0.95 -1.79 -9.26
CA GLY A 205 1.50 -2.92 -10.00
C GLY A 205 0.45 -3.83 -10.62
N VAL A 206 -0.78 -3.34 -10.75
CA VAL A 206 -1.92 -4.14 -11.21
C VAL A 206 -2.12 -4.00 -12.73
N PRO A 207 -2.08 -5.14 -13.45
CA PRO A 207 -2.40 -5.11 -14.88
C PRO A 207 -3.83 -4.64 -15.12
N LEU A 208 -4.00 -3.73 -16.07
CA LEU A 208 -5.33 -3.41 -16.54
C LEU A 208 -5.39 -3.88 -18.00
N ILE A 209 -5.99 -5.03 -18.22
CA ILE A 209 -6.03 -5.64 -19.54
C ILE A 209 -7.30 -5.21 -20.25
N GLY A 210 -7.19 -4.63 -21.45
CA GLY A 210 -8.33 -4.42 -22.32
C GLY A 210 -8.60 -5.67 -23.13
N TYR A 211 -9.82 -6.20 -23.09
CA TYR A 211 -10.10 -7.37 -23.93
C TYR A 211 -10.55 -6.82 -25.26
N GLN A 212 -9.72 -7.00 -26.29
CA GLN A 212 -10.01 -6.51 -27.63
C GLN A 212 -10.27 -5.00 -27.64
N THR A 213 -9.57 -4.29 -26.75
CA THR A 213 -9.67 -2.82 -26.72
C THR A 213 -8.41 -2.22 -26.11
N LYS A 214 -7.95 -1.09 -26.65
CA LYS A 214 -6.94 -0.24 -26.01
C LYS A 214 -7.60 0.81 -25.10
N ALA A 215 -8.69 1.42 -25.58
CA ALA A 215 -9.42 2.34 -24.76
C ALA A 215 -10.00 1.58 -23.59
N LEU A 216 -10.00 2.23 -22.43
CA LEU A 216 -10.62 1.63 -21.24
C LEU A 216 -12.14 1.78 -21.34
N PRO A 217 -12.85 0.65 -21.29
CA PRO A 217 -14.30 0.65 -21.37
C PRO A 217 -14.93 1.36 -20.16
N ALA A 218 -15.79 2.32 -20.43
CA ALA A 218 -16.45 3.09 -19.36
C ALA A 218 -17.84 2.52 -19.06
N PHE A 219 -17.87 1.30 -18.54
CA PHE A 219 -19.13 0.65 -18.19
C PHE A 219 -20.17 0.83 -19.30
N PHE A 220 -21.22 1.59 -19.00
CA PHE A 220 -22.29 1.85 -19.97
C PHE A 220 -21.79 2.16 -21.38
N CYS A 221 -20.53 2.61 -21.48
CA CYS A 221 -19.91 3.03 -22.73
C CYS A 221 -18.72 2.13 -23.08
N ARG A 222 -18.58 1.80 -24.36
CA ARG A 222 -17.49 0.93 -24.78
C ARG A 222 -16.09 1.56 -24.68
N THR A 223 -16.03 2.89 -24.75
CA THR A 223 -14.74 3.57 -24.71
C THR A 223 -14.73 4.73 -23.72
N SER A 224 -13.55 5.28 -23.49
CA SER A 224 -13.39 6.47 -22.67
C SER A 224 -12.10 7.14 -23.13
N PRO A 225 -11.80 8.30 -22.57
CA PRO A 225 -10.58 9.07 -22.85
C PRO A 225 -9.32 8.39 -22.36
N PHE A 226 -9.44 7.28 -21.64
CA PHE A 226 -8.31 6.66 -20.94
C PHE A 226 -7.95 5.32 -21.52
N ASP A 227 -6.73 4.86 -21.24
CA ASP A 227 -6.21 3.60 -21.81
C ASP A 227 -6.04 2.50 -20.78
N VAL A 228 -6.22 1.26 -21.23
CA VAL A 228 -5.82 0.09 -20.46
C VAL A 228 -4.28 0.00 -20.51
N SER A 229 -3.69 -0.82 -19.64
CA SER A 229 -2.23 -0.96 -19.65
C SER A 229 -1.76 -1.87 -20.79
N ILE A 230 -2.57 -2.85 -21.13
CA ILE A 230 -2.25 -3.66 -22.30
C ILE A 230 -3.51 -4.20 -22.95
N ARG A 231 -3.54 -4.20 -24.28
CA ARG A 231 -4.63 -4.85 -25.00
C ARG A 231 -4.28 -6.31 -25.30
N LEU A 232 -5.20 -7.21 -24.98
CA LEU A 232 -5.08 -8.62 -25.32
C LEU A 232 -6.34 -9.07 -26.04
N ASP A 233 -6.17 -9.82 -27.12
CA ASP A 233 -7.31 -10.19 -27.98
C ASP A 233 -7.90 -11.59 -27.74
N SER A 234 -7.31 -12.34 -26.82
CA SER A 234 -7.81 -13.68 -26.56
C SER A 234 -7.79 -14.04 -25.09
N ALA A 235 -8.76 -14.86 -24.68
CA ALA A 235 -8.76 -15.40 -23.33
C ALA A 235 -7.48 -16.22 -23.08
N SER A 236 -7.00 -16.92 -24.12
CA SER A 236 -5.78 -17.70 -24.01
C SER A 236 -4.57 -16.85 -23.57
N GLU A 237 -4.40 -15.68 -24.17
CA GLU A 237 -3.32 -14.78 -23.76
C GLU A 237 -3.45 -14.32 -22.32
N ILE A 238 -4.69 -14.04 -21.91
CA ILE A 238 -4.95 -13.62 -20.54
C ILE A 238 -4.55 -14.72 -19.56
N ALA A 239 -4.94 -15.94 -19.85
CA ALA A 239 -4.64 -17.06 -18.97
C ALA A 239 -3.12 -17.29 -18.88
N ARG A 240 -2.45 -17.18 -20.01
CA ARG A 240 -1.00 -17.38 -20.04
C ARG A 240 -0.32 -16.34 -19.15
N ALA A 241 -0.78 -15.10 -19.26
CA ALA A 241 -0.23 -14.00 -18.46
C ALA A 241 -0.48 -14.21 -16.97
N MET A 242 -1.67 -14.73 -16.62
CA MET A 242 -1.97 -15.05 -15.22
C MET A 242 -0.97 -16.07 -14.67
N VAL A 243 -0.79 -17.16 -15.43
CA VAL A 243 0.14 -18.21 -15.03
C VAL A 243 1.57 -17.66 -14.84
N VAL A 244 2.06 -16.91 -15.83
CA VAL A 244 3.39 -16.31 -15.72
C VAL A 244 3.51 -15.35 -14.51
N LYS A 245 2.48 -14.54 -14.32
CA LYS A 245 2.50 -13.54 -13.26
C LYS A 245 2.66 -14.22 -11.91
N TRP A 246 1.83 -15.23 -11.65
CA TRP A 246 1.86 -15.87 -10.33
C TRP A 246 3.03 -16.84 -10.15
N GLN A 247 3.44 -17.51 -11.22
CA GLN A 247 4.63 -18.36 -11.15
C GLN A 247 5.91 -17.55 -10.99
N SER A 248 5.84 -16.26 -11.32
CA SER A 248 6.98 -15.36 -11.16
C SER A 248 7.00 -14.72 -9.76
N GLY A 249 5.99 -15.03 -8.97
CA GLY A 249 5.88 -14.53 -7.60
C GLY A 249 5.30 -13.14 -7.50
N LEU A 250 4.62 -12.66 -8.55
CA LEU A 250 4.13 -11.29 -8.49
C LEU A 250 2.71 -11.41 -8.01
N ASN A 251 2.53 -11.26 -6.71
CA ASN A 251 1.22 -11.45 -6.15
C ASN A 251 0.38 -10.24 -6.41
N GLY A 252 -0.94 -10.40 -6.35
CA GLY A 252 -1.88 -9.39 -6.76
C GLY A 252 -2.77 -9.81 -7.92
N GLY A 253 -3.85 -9.06 -8.14
CA GLY A 253 -4.85 -9.46 -9.11
C GLY A 253 -4.63 -8.85 -10.47
N LEU A 254 -5.57 -9.10 -11.39
CA LEU A 254 -5.52 -8.48 -12.71
C LEU A 254 -6.93 -7.98 -13.01
N VAL A 255 -7.03 -6.82 -13.64
CA VAL A 255 -8.35 -6.37 -14.07
C VAL A 255 -8.47 -6.68 -15.55
N VAL A 256 -9.54 -7.33 -15.98
CA VAL A 256 -9.84 -7.46 -17.41
C VAL A 256 -11.07 -6.59 -17.68
N ALA A 257 -10.88 -5.53 -18.46
CA ALA A 257 -11.93 -4.59 -18.83
C ALA A 257 -12.46 -4.99 -20.21
N ASN A 258 -13.74 -5.33 -20.21
CA ASN A 258 -14.43 -5.95 -21.33
C ASN A 258 -15.58 -5.05 -21.79
N PRO A 259 -15.47 -4.45 -22.99
CA PRO A 259 -16.51 -3.47 -23.35
C PRO A 259 -17.89 -4.10 -23.46
N ILE A 260 -18.91 -3.35 -23.08
CA ILE A 260 -20.31 -3.80 -23.16
C ILE A 260 -20.62 -4.08 -24.62
N PRO A 261 -21.42 -5.13 -24.89
CA PRO A 261 -21.76 -5.42 -26.28
C PRO A 261 -22.41 -4.19 -26.95
N GLU A 262 -22.15 -4.01 -28.25
CA GLU A 262 -22.64 -2.85 -28.99
C GLU A 262 -24.15 -2.62 -28.86
N GLN A 263 -24.93 -3.69 -28.93
CA GLN A 263 -26.39 -3.56 -28.84
C GLN A 263 -26.83 -2.88 -27.55
N PHE A 264 -26.06 -3.06 -26.48
CA PHE A 264 -26.43 -2.54 -25.17
C PHE A 264 -25.73 -1.25 -24.68
N ALA A 265 -24.80 -0.76 -25.48
CA ALA A 265 -24.05 0.45 -25.15
C ALA A 265 -24.99 1.63 -25.14
N MET A 266 -24.80 2.54 -24.20
CA MET A 266 -25.63 3.73 -24.13
C MET A 266 -25.01 4.92 -24.84
N PRO A 267 -25.85 5.73 -25.49
CA PRO A 267 -25.37 6.96 -26.14
C PRO A 267 -24.69 7.88 -25.12
N GLU A 268 -23.51 8.37 -25.47
CA GLU A 268 -22.66 9.07 -24.51
C GLU A 268 -23.37 10.18 -23.74
N HIS A 269 -24.06 11.06 -24.46
CA HIS A 269 -24.53 12.29 -23.81
C HIS A 269 -25.60 12.06 -22.75
N THR A 270 -26.57 11.21 -23.05
CA THR A 270 -27.66 10.95 -22.08
C THR A 270 -27.08 10.34 -20.81
N ILE A 271 -26.26 9.30 -20.97
CA ILE A 271 -25.74 8.59 -19.82
C ILE A 271 -24.78 9.46 -19.00
N ASN A 272 -23.92 10.20 -19.69
CA ASN A 272 -23.00 11.07 -18.96
C ASN A 272 -23.72 12.23 -18.27
N ALA A 273 -24.78 12.73 -18.88
CA ALA A 273 -25.55 13.77 -18.21
C ALA A 273 -26.17 13.22 -16.91
N ALA A 274 -26.69 12.00 -16.99
CA ALA A 274 -27.28 11.37 -15.80
C ALA A 274 -26.22 11.13 -14.71
N ILE A 275 -25.08 10.59 -15.11
CA ILE A 275 -23.97 10.38 -14.17
C ILE A 275 -23.55 11.70 -13.53
N ASP A 276 -23.34 12.74 -14.34
CA ASP A 276 -22.84 14.01 -13.80
C ASP A 276 -23.86 14.61 -12.81
N GLN A 277 -25.14 14.47 -13.14
CA GLN A 277 -26.18 14.95 -12.22
C GLN A 277 -26.19 14.15 -10.91
N ALA A 278 -26.12 12.83 -11.02
CA ALA A 278 -26.10 11.98 -9.81
C ALA A 278 -24.91 12.30 -8.91
N VAL A 279 -23.76 12.53 -9.52
CA VAL A 279 -22.56 12.90 -8.77
C VAL A 279 -22.74 14.24 -8.07
N ALA A 280 -23.31 15.21 -8.79
CA ALA A 280 -23.52 16.53 -8.18
C ALA A 280 -24.52 16.45 -7.02
N GLU A 281 -25.55 15.63 -7.18
CA GLU A 281 -26.53 15.48 -6.12
C GLU A 281 -25.94 14.78 -4.90
N ALA A 282 -25.13 13.77 -5.12
CA ALA A 282 -24.51 13.04 -4.03
C ALA A 282 -23.63 14.01 -3.25
N GLU A 283 -22.90 14.86 -3.98
CA GLU A 283 -22.05 15.84 -3.30
C GLU A 283 -22.87 16.85 -2.49
N ALA A 284 -23.93 17.38 -3.10
CA ALA A 284 -24.82 18.32 -2.42
C ALA A 284 -25.49 17.70 -1.18
N GLN A 285 -25.76 16.40 -1.24
CA GLN A 285 -26.53 15.73 -0.19
C GLN A 285 -25.66 15.07 0.86
N GLY A 286 -24.35 15.20 0.72
CA GLY A 286 -23.42 14.69 1.70
C GLY A 286 -23.37 13.18 1.73
N VAL A 287 -23.59 12.56 0.57
CA VAL A 287 -23.53 11.11 0.52
C VAL A 287 -22.05 10.75 0.57
N ILE A 288 -21.65 9.92 1.54
CA ILE A 288 -20.24 9.54 1.62
C ILE A 288 -20.05 8.04 1.89
N GLY A 289 -18.81 7.61 1.90
CA GLY A 289 -18.46 6.26 2.29
C GLY A 289 -19.17 5.19 1.47
N LYS A 290 -19.47 4.07 2.14
CA LYS A 290 -20.01 2.90 1.42
C LYS A 290 -21.38 3.17 0.81
N GLU A 291 -22.04 4.25 1.24
CA GLU A 291 -23.36 4.57 0.67
C GLU A 291 -23.25 5.20 -0.72
N SER A 292 -22.04 5.61 -1.10
CA SER A 292 -21.88 6.40 -2.32
C SER A 292 -22.24 5.64 -3.61
N THR A 293 -21.61 4.49 -3.81
CA THR A 293 -21.82 3.76 -5.06
C THR A 293 -23.28 3.31 -5.24
N PRO A 294 -23.88 2.72 -4.20
CA PRO A 294 -25.30 2.36 -4.33
C PRO A 294 -26.20 3.54 -4.67
N PHE A 295 -25.95 4.67 -4.03
CA PHE A 295 -26.73 5.88 -4.29
C PHE A 295 -26.59 6.31 -5.75
N LEU A 296 -25.35 6.33 -6.23
CA LEU A 296 -25.08 6.80 -7.58
C LEU A 296 -25.72 5.89 -8.62
N LEU A 297 -25.57 4.58 -8.46
CA LEU A 297 -26.14 3.64 -9.44
C LEU A 297 -27.66 3.70 -9.45
N ALA A 298 -28.28 3.77 -8.28
CA ALA A 298 -29.73 3.84 -8.20
C ALA A 298 -30.25 5.11 -8.86
N ARG A 299 -29.54 6.21 -8.65
CA ARG A 299 -29.97 7.50 -9.19
C ARG A 299 -29.81 7.56 -10.70
N VAL A 300 -28.72 7.01 -11.22
CA VAL A 300 -28.55 6.97 -12.66
C VAL A 300 -29.63 6.12 -13.32
N ALA A 301 -29.99 5.01 -12.67
CA ALA A 301 -31.10 4.19 -13.14
C ALA A 301 -32.41 5.00 -13.16
N GLU A 302 -32.67 5.73 -12.07
CA GLU A 302 -33.88 6.54 -12.02
C GLU A 302 -33.91 7.56 -13.17
N LEU A 303 -32.79 8.27 -13.35
CA LEU A 303 -32.68 9.32 -14.37
C LEU A 303 -32.71 8.81 -15.82
N THR A 304 -32.31 7.57 -16.01
CA THR A 304 -32.36 6.95 -17.33
C THR A 304 -33.61 6.10 -17.58
N GLY A 305 -34.56 6.13 -16.66
CA GLY A 305 -35.80 5.39 -16.82
C GLY A 305 -35.55 3.90 -16.81
N GLY A 306 -34.53 3.48 -16.09
CA GLY A 306 -34.18 2.06 -16.01
C GLY A 306 -33.22 1.56 -17.08
N ASP A 307 -32.89 2.39 -18.05
CA ASP A 307 -32.03 1.95 -19.16
C ASP A 307 -30.62 1.57 -18.70
N SER A 308 -30.06 2.38 -17.81
CA SER A 308 -28.71 2.12 -17.32
C SER A 308 -28.65 0.76 -16.65
N LEU A 309 -29.71 0.42 -15.93
CA LEU A 309 -29.80 -0.88 -15.27
C LEU A 309 -29.84 -2.05 -16.28
N LYS A 310 -30.61 -1.87 -17.35
CA LYS A 310 -30.69 -2.90 -18.40
C LYS A 310 -29.30 -3.13 -19.02
N SER A 311 -28.58 -2.03 -19.25
CA SER A 311 -27.21 -2.13 -19.74
C SER A 311 -26.29 -2.83 -18.74
N ASN A 312 -26.44 -2.49 -17.45
CA ASN A 312 -25.67 -3.11 -16.39
C ASN A 312 -25.86 -4.63 -16.36
N ILE A 313 -27.10 -5.06 -16.51
CA ILE A 313 -27.41 -6.47 -16.59
C ILE A 313 -26.68 -7.15 -17.76
N GLN A 314 -26.75 -6.51 -18.94
CA GLN A 314 -26.14 -7.11 -20.11
C GLN A 314 -24.61 -7.17 -20.04
N LEU A 315 -23.98 -6.14 -19.50
CA LEU A 315 -22.52 -6.17 -19.39
C LEU A 315 -22.10 -7.24 -18.39
N VAL A 316 -22.93 -7.48 -17.36
CA VAL A 316 -22.66 -8.59 -16.44
C VAL A 316 -22.69 -9.95 -17.14
N PHE A 317 -23.73 -10.19 -17.95
CA PHE A 317 -23.74 -11.44 -18.71
C PHE A 317 -22.50 -11.58 -19.62
N ASN A 318 -22.17 -10.49 -20.31
CA ASN A 318 -21.03 -10.50 -21.23
C ASN A 318 -19.72 -10.84 -20.49
N ASN A 319 -19.63 -10.30 -19.29
CA ASN A 319 -18.44 -10.51 -18.48
C ASN A 319 -18.36 -11.95 -17.99
N ALA A 320 -19.52 -12.55 -17.70
CA ALA A 320 -19.53 -13.95 -17.28
C ALA A 320 -19.12 -14.88 -18.42
N ILE A 321 -19.50 -14.53 -19.65
CA ILE A 321 -19.09 -15.34 -20.80
C ILE A 321 -17.57 -15.30 -20.97
N LEU A 322 -17.02 -14.09 -21.00
CA LEU A 322 -15.58 -13.97 -21.13
C LEU A 322 -14.83 -14.63 -19.96
N ALA A 323 -15.30 -14.40 -18.74
CA ALA A 323 -14.69 -15.01 -17.56
C ALA A 323 -14.71 -16.53 -17.65
N SER A 324 -15.79 -17.08 -18.21
CA SER A 324 -15.87 -18.51 -18.40
C SER A 324 -14.76 -18.97 -19.32
N GLU A 325 -14.56 -18.24 -20.43
CA GLU A 325 -13.46 -18.63 -21.33
C GLU A 325 -12.09 -18.49 -20.65
N ILE A 326 -11.90 -17.41 -19.91
CA ILE A 326 -10.60 -17.22 -19.24
C ILE A 326 -10.35 -18.36 -18.27
N ALA A 327 -11.36 -18.73 -17.50
CA ALA A 327 -11.24 -19.82 -16.54
C ALA A 327 -10.90 -21.12 -17.26
N LYS A 328 -11.58 -21.38 -18.37
CA LYS A 328 -11.28 -22.56 -19.17
C LYS A 328 -9.81 -22.60 -19.64
N GLU A 329 -9.33 -21.49 -20.20
CA GLU A 329 -7.95 -21.43 -20.68
C GLU A 329 -6.90 -21.51 -19.53
N TYR A 330 -7.26 -20.90 -18.41
CA TYR A 330 -6.42 -20.94 -17.23
C TYR A 330 -6.32 -22.36 -16.71
N GLN A 331 -7.45 -23.04 -16.57
CA GLN A 331 -7.43 -24.42 -16.09
C GLN A 331 -6.67 -25.31 -17.07
N ARG A 332 -6.82 -25.03 -18.36
CA ARG A 332 -6.07 -25.76 -19.37
C ARG A 332 -4.56 -25.70 -19.07
N LEU A 333 -4.07 -24.50 -18.75
CA LEU A 333 -2.64 -24.37 -18.45
C LEU A 333 -2.24 -24.91 -17.08
N ALA A 334 -3.13 -24.78 -16.12
CA ALA A 334 -2.89 -25.26 -14.75
C ALA A 334 -3.80 -26.43 -14.37
N LYS B 28 11.49 -21.89 -6.55
CA LYS B 28 12.04 -22.56 -7.74
C LYS B 28 11.29 -22.11 -8.99
N ILE B 29 11.80 -21.06 -9.64
CA ILE B 29 11.15 -20.49 -10.82
C ILE B 29 11.63 -21.21 -12.07
N SER B 30 10.72 -21.43 -13.02
CA SER B 30 11.05 -22.11 -14.26
C SER B 30 12.13 -21.40 -15.06
N PRO B 31 13.06 -22.17 -15.64
CA PRO B 31 14.11 -21.62 -16.51
C PRO B 31 13.51 -20.91 -17.71
N GLU B 32 12.27 -21.23 -18.07
CA GLU B 32 11.64 -20.51 -19.18
C GLU B 32 11.37 -19.07 -18.80
N LEU B 33 11.10 -18.83 -17.52
CA LEU B 33 10.81 -17.50 -17.00
C LEU B 33 12.04 -16.70 -16.56
N LEU B 34 12.99 -17.39 -15.95
CA LEU B 34 14.13 -16.74 -15.30
C LEU B 34 15.44 -17.48 -15.53
N GLN B 35 16.45 -16.76 -16.02
CA GLN B 35 17.75 -17.36 -16.22
C GLN B 35 18.82 -16.45 -15.65
N ILE B 36 19.63 -17.03 -14.78
CA ILE B 36 20.76 -16.32 -14.20
C ILE B 36 22.02 -16.78 -14.94
N SER B 37 22.79 -15.84 -15.47
CA SER B 37 23.99 -16.20 -16.24
C SER B 37 24.94 -17.04 -15.38
N PRO B 38 25.75 -17.88 -16.01
CA PRO B 38 26.69 -18.72 -15.26
C PRO B 38 27.64 -17.91 -14.36
N GLU B 39 28.09 -16.75 -14.82
CA GLU B 39 29.00 -15.93 -14.03
C GLU B 39 28.32 -15.43 -12.75
N VAL B 40 27.08 -14.99 -12.88
CA VAL B 40 26.35 -14.50 -11.72
C VAL B 40 26.01 -15.66 -10.79
N GLN B 41 25.59 -16.79 -11.37
CA GLN B 41 25.32 -17.97 -10.57
C GLN B 41 26.54 -18.35 -9.74
N ASP B 42 27.70 -18.31 -10.38
CA ASP B 42 28.94 -18.69 -9.72
C ASP B 42 29.27 -17.70 -8.61
N ALA B 43 29.09 -16.41 -8.91
CA ALA B 43 29.32 -15.36 -7.93
C ALA B 43 28.45 -15.54 -6.69
N LEU B 44 27.18 -15.84 -6.90
CA LEU B 44 26.25 -16.06 -5.80
C LEU B 44 26.61 -17.31 -5.01
N LYS B 45 27.02 -18.36 -5.71
CA LYS B 45 27.37 -19.61 -5.06
C LYS B 45 28.69 -19.50 -4.31
N ASN B 46 29.56 -18.61 -4.78
CA ASN B 46 30.87 -18.40 -4.16
C ASN B 46 30.89 -17.24 -3.16
N LYS B 47 29.73 -16.64 -2.92
CA LYS B 47 29.61 -15.54 -1.96
C LYS B 47 30.41 -14.31 -2.38
N LYS B 48 30.51 -14.11 -3.70
CA LYS B 48 31.13 -12.91 -4.23
C LYS B 48 30.07 -11.82 -4.40
N PRO B 49 30.44 -10.56 -4.10
CA PRO B 49 29.47 -9.47 -4.14
C PRO B 49 28.94 -9.21 -5.54
N VAL B 50 27.61 -9.13 -5.65
CA VAL B 50 26.95 -8.92 -6.93
C VAL B 50 26.19 -7.60 -6.89
N VAL B 51 26.29 -6.83 -7.97
CA VAL B 51 25.58 -5.56 -8.08
C VAL B 51 24.67 -5.58 -9.30
N ALA B 52 23.38 -5.47 -9.05
CA ALA B 52 22.42 -5.48 -10.15
C ALA B 52 22.38 -4.13 -10.86
N LEU B 53 21.97 -4.16 -12.13
CA LEU B 53 21.80 -2.95 -12.93
C LEU B 53 20.49 -3.06 -13.71
N GLU B 54 19.85 -1.92 -13.97
CA GLU B 54 18.59 -1.96 -14.71
C GLU B 54 18.78 -1.73 -16.21
N SER B 55 17.70 -1.97 -16.98
CA SER B 55 17.75 -1.71 -18.42
C SER B 55 16.88 -0.59 -19.02
N THR B 56 15.91 -0.06 -18.27
CA THR B 56 15.07 1.02 -18.81
C THR B 56 15.95 2.24 -19.01
N ILE B 57 16.90 2.42 -18.11
CA ILE B 57 17.85 3.51 -18.26
C ILE B 57 18.54 3.44 -19.63
N ILE B 58 18.79 2.22 -20.10
CA ILE B 58 19.41 2.03 -21.42
C ILE B 58 18.46 2.35 -22.58
N SER B 59 17.31 1.68 -22.62
CA SER B 59 16.41 1.89 -23.75
C SER B 59 15.72 3.25 -23.73
N HIS B 60 15.15 3.61 -22.58
CA HIS B 60 14.37 4.84 -22.45
C HIS B 60 15.00 6.02 -21.69
N GLY B 61 16.17 5.81 -21.09
CA GLY B 61 16.76 6.83 -20.25
C GLY B 61 17.91 7.58 -20.90
N MET B 62 18.42 7.02 -21.98
CA MET B 62 19.59 7.58 -22.67
C MET B 62 19.48 7.28 -24.17
N PRO B 63 20.05 8.16 -25.00
CA PRO B 63 20.10 7.93 -26.45
C PRO B 63 21.22 6.96 -26.83
N PHE B 64 21.09 6.34 -28.01
CA PHE B 64 22.15 5.50 -28.58
C PHE B 64 23.17 6.37 -29.32
N PRO B 65 24.46 5.98 -29.28
CA PRO B 65 25.21 4.93 -28.59
C PRO B 65 25.46 5.11 -27.07
N GLN B 66 25.28 6.32 -26.56
CA GLN B 66 25.60 6.61 -25.15
C GLN B 66 25.00 5.61 -24.15
N ASN B 67 23.76 5.17 -24.39
CA ASN B 67 23.11 4.22 -23.48
C ASN B 67 23.86 2.89 -23.34
N ALA B 68 24.23 2.30 -24.48
CA ALA B 68 24.93 1.03 -24.47
C ALA B 68 26.34 1.17 -23.93
N GLN B 69 27.03 2.22 -24.37
CA GLN B 69 28.41 2.44 -23.95
C GLN B 69 28.46 2.59 -22.44
N THR B 70 27.52 3.35 -21.91
CA THR B 70 27.41 3.55 -20.48
C THR B 70 27.10 2.24 -19.76
N ALA B 71 26.13 1.48 -20.25
CA ALA B 71 25.80 0.19 -19.61
C ALA B 71 27.02 -0.75 -19.50
N ILE B 72 27.76 -0.88 -20.60
CA ILE B 72 28.94 -1.74 -20.62
C ILE B 72 30.06 -1.20 -19.71
N GLU B 73 30.26 0.11 -19.77
CA GLU B 73 31.25 0.79 -18.93
C GLU B 73 30.94 0.63 -17.43
N VAL B 74 29.67 0.70 -17.07
CA VAL B 74 29.30 0.61 -15.66
C VAL B 74 29.56 -0.81 -15.18
N GLU B 75 29.20 -1.79 -16.03
CA GLU B 75 29.63 -3.16 -15.72
C GLU B 75 31.13 -3.22 -15.41
N GLU B 76 31.93 -2.59 -16.27
CA GLU B 76 33.38 -2.65 -16.07
C GLU B 76 33.82 -1.97 -14.78
N THR B 77 33.21 -0.83 -14.46
CA THR B 77 33.44 -0.14 -13.19
C THR B 77 33.27 -1.10 -12.01
N ILE B 78 32.14 -1.79 -12.02
CA ILE B 78 31.84 -2.74 -10.96
C ILE B 78 32.91 -3.83 -10.90
N ARG B 79 33.32 -4.33 -12.05
CA ARG B 79 34.41 -5.31 -12.07
C ARG B 79 35.71 -4.75 -11.44
N LYS B 80 36.05 -3.51 -11.76
CA LYS B 80 37.26 -2.90 -11.22
C LYS B 80 37.21 -2.78 -9.71
N GLN B 81 36.00 -2.64 -9.18
CA GLN B 81 35.82 -2.52 -7.73
C GLN B 81 35.78 -3.88 -7.02
N GLY B 82 35.99 -4.95 -7.78
CA GLY B 82 36.02 -6.29 -7.22
C GLY B 82 34.67 -6.93 -7.03
N ALA B 83 33.64 -6.42 -7.70
CA ALA B 83 32.32 -7.03 -7.62
C ALA B 83 31.92 -7.60 -8.98
N VAL B 84 30.79 -8.28 -9.02
CA VAL B 84 30.27 -8.84 -10.26
C VAL B 84 28.98 -8.13 -10.64
N PRO B 85 28.97 -7.48 -11.81
CA PRO B 85 27.78 -6.78 -12.29
C PRO B 85 26.75 -7.79 -12.79
N ALA B 86 25.47 -7.53 -12.55
CA ALA B 86 24.41 -8.29 -13.21
C ALA B 86 23.38 -7.33 -13.78
N THR B 87 23.43 -7.12 -15.09
CA THR B 87 22.45 -6.26 -15.73
C THR B 87 21.23 -7.13 -15.96
N ILE B 88 20.06 -6.57 -15.69
CA ILE B 88 18.82 -7.31 -15.77
C ILE B 88 17.93 -6.80 -16.90
N ALA B 89 17.30 -7.72 -17.63
CA ALA B 89 16.33 -7.29 -18.66
C ALA B 89 15.47 -8.47 -19.01
N ILE B 90 14.52 -8.26 -19.91
CA ILE B 90 13.78 -9.39 -20.44
C ILE B 90 14.24 -9.59 -21.86
N ILE B 91 14.71 -10.80 -22.15
CA ILE B 91 15.26 -11.12 -23.45
C ILE B 91 14.48 -12.31 -24.00
N GLY B 92 13.78 -12.11 -25.11
CA GLY B 92 12.99 -13.16 -25.72
C GLY B 92 12.03 -13.82 -24.74
N GLY B 93 11.46 -13.03 -23.86
CA GLY B 93 10.51 -13.53 -22.87
C GLY B 93 11.11 -14.02 -21.56
N VAL B 94 12.43 -14.08 -21.48
CA VAL B 94 13.09 -14.60 -20.28
C VAL B 94 13.61 -13.46 -19.39
N MET B 95 13.29 -13.50 -18.10
CA MET B 95 13.90 -12.52 -17.19
C MET B 95 15.33 -12.97 -17.04
N LYS B 96 16.26 -12.14 -17.49
CA LYS B 96 17.66 -12.48 -17.48
C LYS B 96 18.41 -11.65 -16.45
N VAL B 97 19.13 -12.38 -15.61
CA VAL B 97 20.03 -11.79 -14.62
C VAL B 97 21.44 -12.04 -15.12
N GLY B 98 22.05 -10.96 -15.60
CA GLY B 98 23.31 -11.00 -16.31
C GLY B 98 23.00 -11.05 -17.79
N LEU B 99 23.73 -10.25 -18.55
CA LEU B 99 23.43 -10.04 -19.95
C LEU B 99 24.74 -10.04 -20.70
N SER B 100 24.68 -10.53 -21.93
CA SER B 100 25.83 -10.47 -22.82
C SER B 100 26.00 -9.05 -23.36
N LYS B 101 27.18 -8.76 -23.89
CA LYS B 101 27.42 -7.47 -24.53
C LYS B 101 26.44 -7.22 -25.67
N GLU B 102 26.18 -8.28 -26.45
CA GLU B 102 25.26 -8.19 -27.58
C GLU B 102 23.84 -7.82 -27.17
N GLU B 103 23.38 -8.40 -26.06
CA GLU B 103 22.03 -8.12 -25.58
C GLU B 103 21.93 -6.66 -25.13
N ILE B 104 22.97 -6.19 -24.45
CA ILE B 104 23.00 -4.79 -24.04
C ILE B 104 22.93 -3.89 -25.25
N GLU B 105 23.71 -4.23 -26.29
CA GLU B 105 23.74 -3.46 -27.52
C GLU B 105 22.39 -3.46 -28.21
N LEU B 106 21.72 -4.60 -28.19
CA LEU B 106 20.38 -4.73 -28.74
C LEU B 106 19.42 -3.76 -28.07
N LEU B 107 19.42 -3.77 -26.74
CA LEU B 107 18.51 -2.89 -26.00
C LEU B 107 18.81 -1.41 -26.32
N GLY B 108 20.10 -1.07 -26.32
CA GLY B 108 20.52 0.26 -26.68
C GLY B 108 20.05 0.70 -28.06
N ARG B 109 20.30 -0.14 -29.06
CA ARG B 109 19.94 0.18 -30.44
C ARG B 109 18.44 0.29 -30.65
N GLU B 110 17.69 -0.62 -30.03
CA GLU B 110 16.25 -0.68 -30.23
C GLU B 110 15.53 0.45 -29.51
N GLY B 111 16.08 0.89 -28.38
CA GLY B 111 15.50 2.03 -27.69
C GLY B 111 14.02 1.89 -27.42
N HIS B 112 13.23 2.88 -27.85
CA HIS B 112 11.80 2.89 -27.55
C HIS B 112 11.03 1.75 -28.20
N ASN B 113 11.66 1.06 -29.14
CA ASN B 113 11.04 -0.13 -29.72
C ASN B 113 10.98 -1.28 -28.72
N VAL B 114 11.86 -1.22 -27.72
CA VAL B 114 11.82 -2.16 -26.61
C VAL B 114 10.78 -1.67 -25.59
N THR B 115 9.92 -2.57 -25.13
CA THR B 115 8.88 -2.23 -24.15
C THR B 115 9.49 -1.79 -22.82
N LYS B 116 8.99 -0.69 -22.25
CA LYS B 116 9.40 -0.28 -20.90
C LYS B 116 8.60 -1.11 -19.90
N VAL B 117 9.30 -1.78 -19.00
CA VAL B 117 8.65 -2.79 -18.17
C VAL B 117 8.67 -2.46 -16.68
N SER B 118 7.51 -2.07 -16.16
CA SER B 118 7.32 -1.96 -14.71
C SER B 118 6.60 -3.20 -14.19
N ARG B 119 6.25 -3.21 -12.89
CA ARG B 119 5.63 -4.39 -12.31
C ARG B 119 4.38 -4.84 -13.09
N ARG B 120 3.54 -3.89 -13.47
CA ARG B 120 2.28 -4.23 -14.15
C ARG B 120 2.49 -4.74 -15.58
N ASP B 121 3.64 -4.42 -16.17
CA ASP B 121 3.98 -4.89 -17.52
C ASP B 121 4.62 -6.28 -17.58
N LEU B 122 5.32 -6.61 -16.50
CA LEU B 122 6.25 -7.74 -16.48
C LEU B 122 5.68 -9.07 -16.99
N PRO B 123 4.52 -9.49 -16.49
CA PRO B 123 4.01 -10.80 -16.90
C PRO B 123 3.76 -10.89 -18.40
N PHE B 124 3.41 -9.76 -19.03
CA PHE B 124 2.98 -9.81 -20.44
C PHE B 124 4.16 -9.90 -21.42
N VAL B 125 5.27 -9.23 -21.11
CA VAL B 125 6.43 -9.30 -21.98
C VAL B 125 7.05 -10.68 -21.87
N VAL B 126 7.08 -11.21 -20.65
CA VAL B 126 7.57 -12.56 -20.44
C VAL B 126 6.68 -13.60 -21.14
N ALA B 127 5.38 -13.48 -20.95
CA ALA B 127 4.46 -14.46 -21.53
C ALA B 127 4.51 -14.44 -23.06
N ALA B 128 4.66 -13.25 -23.63
CA ALA B 128 4.58 -13.08 -25.07
C ALA B 128 5.94 -13.29 -25.76
N GLY B 129 6.95 -13.61 -24.98
CA GLY B 129 8.28 -13.92 -25.51
C GLY B 129 9.01 -12.73 -26.10
N LYS B 130 8.77 -11.53 -25.56
CA LYS B 130 9.33 -10.32 -26.13
C LYS B 130 10.54 -9.83 -25.36
N ASN B 131 11.19 -8.81 -25.90
CA ASN B 131 12.27 -8.11 -25.20
C ASN B 131 11.66 -7.04 -24.33
N GLY B 132 12.30 -6.73 -23.20
CA GLY B 132 11.80 -5.66 -22.37
C GLY B 132 12.89 -5.03 -21.56
N ALA B 133 12.74 -3.74 -21.28
CA ALA B 133 13.75 -3.01 -20.53
C ALA B 133 13.12 -2.73 -19.18
N THR B 134 13.78 -3.20 -18.13
CA THR B 134 13.18 -3.22 -16.79
C THR B 134 13.51 -1.97 -15.97
N THR B 135 12.47 -1.36 -15.40
CA THR B 135 12.61 -0.18 -14.57
C THR B 135 13.20 -0.59 -13.23
N VAL B 136 13.41 0.38 -12.34
CA VAL B 136 13.84 0.07 -10.99
C VAL B 136 12.89 -0.94 -10.34
N ALA B 137 11.58 -0.78 -10.53
CA ALA B 137 10.63 -1.73 -9.91
C ALA B 137 10.86 -3.18 -10.38
N SER B 138 10.86 -3.39 -11.69
CA SER B 138 11.02 -4.74 -12.23
C SER B 138 12.40 -5.28 -11.93
N THR B 139 13.38 -4.39 -11.99
CA THR B 139 14.75 -4.81 -11.73
C THR B 139 14.89 -5.28 -10.28
N MET B 140 14.26 -4.57 -9.35
CA MET B 140 14.26 -5.00 -7.95
C MET B 140 13.61 -6.37 -7.82
N ILE B 141 12.46 -6.54 -8.46
CA ILE B 141 11.76 -7.83 -8.40
C ILE B 141 12.64 -9.00 -8.85
N ILE B 142 13.32 -8.82 -9.98
CA ILE B 142 14.12 -9.90 -10.55
C ILE B 142 15.38 -10.10 -9.73
N ALA B 143 16.00 -9.01 -9.33
CA ALA B 143 17.15 -9.08 -8.43
C ALA B 143 16.79 -9.92 -7.20
N ALA B 144 15.65 -9.61 -6.58
CA ALA B 144 15.18 -10.35 -5.41
C ALA B 144 14.97 -11.83 -5.72
N LEU B 145 14.37 -12.12 -6.88
CA LEU B 145 14.25 -13.52 -7.28
C LEU B 145 15.62 -14.21 -7.31
N ALA B 146 16.66 -13.47 -7.75
CA ALA B 146 17.99 -14.05 -7.86
C ALA B 146 18.76 -14.05 -6.54
N GLY B 147 18.25 -13.30 -5.55
CA GLY B 147 18.89 -13.21 -4.26
C GLY B 147 19.98 -12.15 -4.24
N ILE B 148 19.82 -11.14 -5.09
CA ILE B 148 20.75 -10.01 -5.12
C ILE B 148 20.15 -8.85 -4.31
N LYS B 149 20.91 -8.40 -3.32
CA LYS B 149 20.42 -7.37 -2.40
C LYS B 149 20.87 -5.95 -2.71
N VAL B 150 21.75 -5.79 -3.71
CA VAL B 150 22.27 -4.46 -4.04
C VAL B 150 22.14 -4.15 -5.53
N PHE B 151 21.62 -2.96 -5.82
CA PHE B 151 21.22 -2.55 -7.17
C PHE B 151 21.68 -1.10 -7.37
N ALA B 152 22.56 -0.86 -8.34
CA ALA B 152 22.98 0.50 -8.71
C ALA B 152 22.19 1.02 -9.89
N THR B 153 21.74 2.27 -9.82
CA THR B 153 21.10 2.93 -10.94
C THR B 153 21.45 4.42 -10.97
N GLY B 154 20.85 5.19 -11.88
CA GLY B 154 21.02 6.65 -11.85
C GLY B 154 20.07 7.36 -10.90
N GLY B 155 18.78 7.22 -11.17
CA GLY B 155 17.81 7.85 -10.30
C GLY B 155 16.55 7.02 -10.26
N ILE B 156 15.84 7.09 -9.12
CA ILE B 156 14.61 6.34 -8.95
C ILE B 156 13.42 7.11 -9.50
N GLY B 157 12.36 6.38 -9.86
CA GLY B 157 11.07 7.02 -10.09
C GLY B 157 10.52 7.46 -8.73
N GLY B 158 9.45 8.25 -8.76
CA GLY B 158 8.92 8.82 -7.53
C GLY B 158 7.59 9.49 -7.77
N VAL B 159 7.24 10.41 -6.86
CA VAL B 159 6.04 11.24 -7.00
C VAL B 159 6.27 12.37 -8.00
N HIS B 160 5.41 12.44 -9.02
CA HIS B 160 5.53 13.48 -10.03
C HIS B 160 5.02 14.84 -9.60
N ARG B 161 5.52 15.88 -10.25
CA ARG B 161 4.98 17.21 -10.05
C ARG B 161 3.52 17.24 -10.45
N GLY B 162 2.68 17.67 -9.52
CA GLY B 162 1.25 17.69 -9.71
C GLY B 162 0.57 16.42 -9.28
N ALA B 163 1.31 15.48 -8.69
CA ALA B 163 0.72 14.19 -8.33
C ALA B 163 -0.40 14.34 -7.32
N GLU B 164 -0.40 15.44 -6.56
CA GLU B 164 -1.51 15.65 -5.65
C GLU B 164 -2.83 15.75 -6.41
N HIS B 165 -2.79 16.25 -7.65
CA HIS B 165 -3.94 16.22 -8.58
C HIS B 165 -4.06 15.01 -9.52
N THR B 166 -2.92 14.58 -10.06
CA THR B 166 -2.93 13.57 -11.13
C THR B 166 -2.77 12.14 -10.65
N PHE B 167 -2.36 11.97 -9.40
CA PHE B 167 -2.02 10.65 -8.85
C PHE B 167 -0.85 9.95 -9.55
N ASP B 168 0.01 10.70 -10.23
CA ASP B 168 1.07 10.00 -10.98
C ASP B 168 2.22 9.76 -10.02
N ILE B 169 2.33 8.50 -9.60
CA ILE B 169 3.31 8.11 -8.59
C ILE B 169 3.95 6.80 -9.05
N SER B 170 5.28 6.78 -9.14
CA SER B 170 5.98 5.63 -9.70
C SER B 170 5.73 4.35 -8.91
N ALA B 171 5.49 3.26 -9.62
CA ALA B 171 5.45 1.94 -9.01
C ALA B 171 6.78 1.61 -8.30
N ASP B 172 7.84 2.33 -8.67
CA ASP B 172 9.12 2.16 -7.97
C ASP B 172 8.95 2.32 -6.46
N LEU B 173 8.13 3.28 -6.06
CA LEU B 173 7.97 3.54 -4.63
C LEU B 173 7.28 2.38 -3.91
N GLN B 174 6.29 1.75 -4.57
CA GLN B 174 5.67 0.55 -3.97
C GLN B 174 6.63 -0.64 -3.94
N GLU B 175 7.49 -0.74 -4.96
CA GLU B 175 8.47 -1.82 -4.95
C GLU B 175 9.45 -1.61 -3.78
N LEU B 176 9.86 -0.37 -3.56
CA LEU B 176 10.74 -0.05 -2.44
C LEU B 176 10.04 -0.35 -1.11
N ALA B 177 8.74 -0.17 -1.07
CA ALA B 177 7.98 -0.48 0.13
C ALA B 177 8.00 -1.94 0.52
N ASN B 178 8.16 -2.81 -0.46
CA ASN B 178 7.89 -4.22 -0.27
C ASN B 178 8.99 -5.24 -0.60
N THR B 179 9.92 -4.87 -1.44
CA THR B 179 10.92 -5.79 -1.95
C THR B 179 12.35 -5.51 -1.42
N ASN B 180 13.04 -6.56 -0.98
CA ASN B 180 14.26 -6.46 -0.19
C ASN B 180 15.51 -6.23 -1.02
N VAL B 181 15.71 -5.00 -1.47
CA VAL B 181 16.85 -4.66 -2.29
C VAL B 181 17.22 -3.23 -1.95
N THR B 182 18.52 -2.97 -1.83
CA THR B 182 19.01 -1.62 -1.64
C THR B 182 19.29 -1.02 -3.00
N VAL B 183 18.78 0.18 -3.24
CA VAL B 183 18.92 0.81 -4.54
C VAL B 183 19.78 2.07 -4.38
N VAL B 184 20.94 2.07 -5.03
CA VAL B 184 21.85 3.19 -4.92
C VAL B 184 21.61 4.11 -6.11
N CYS B 185 21.29 5.36 -5.80
CA CYS B 185 20.97 6.36 -6.80
C CYS B 185 21.53 7.71 -6.39
N ALA B 186 21.32 8.68 -7.26
CA ALA B 186 21.64 10.10 -7.07
C ALA B 186 20.44 10.87 -6.53
N GLY B 187 19.54 10.17 -5.84
CA GLY B 187 18.24 10.71 -5.51
C GLY B 187 17.44 10.63 -6.81
N ALA B 188 16.70 11.69 -7.12
CA ALA B 188 16.06 11.80 -8.42
C ALA B 188 16.06 13.25 -8.84
N ALA B 189 15.91 13.49 -10.14
CA ALA B 189 15.91 14.85 -10.66
C ALA B 189 14.63 15.59 -10.29
N SER B 190 14.71 16.91 -10.38
CA SER B 190 13.63 17.81 -10.01
C SER B 190 12.46 17.77 -10.99
N ILE B 191 12.56 16.92 -12.01
CA ILE B 191 11.38 16.57 -12.81
C ILE B 191 10.31 15.97 -11.90
N LEU B 192 10.73 15.39 -10.77
CA LEU B 192 9.77 14.88 -9.80
C LEU B 192 9.54 15.88 -8.67
N ASP B 193 8.58 15.57 -7.81
CA ASP B 193 8.36 16.38 -6.64
C ASP B 193 9.09 15.65 -5.53
N LEU B 194 10.25 16.19 -5.14
CA LEU B 194 11.12 15.47 -4.20
C LEU B 194 10.55 15.49 -2.80
N GLY B 195 9.90 16.60 -2.44
CA GLY B 195 9.26 16.74 -1.14
C GLY B 195 8.21 15.67 -0.92
N LEU B 196 7.26 15.58 -1.88
CA LEU B 196 6.19 14.58 -1.78
C LEU B 196 6.79 13.19 -1.77
N THR B 197 7.85 13.01 -2.54
CA THR B 197 8.54 11.72 -2.55
C THR B 197 9.10 11.36 -1.16
N THR B 198 9.71 12.31 -0.48
CA THR B 198 10.21 12.04 0.88
C THR B 198 9.06 11.69 1.85
N GLU B 199 7.94 12.39 1.72
CA GLU B 199 6.78 12.04 2.56
C GLU B 199 6.29 10.61 2.29
N TYR B 200 6.18 10.29 0.99
CA TYR B 200 5.69 8.98 0.55
C TYR B 200 6.58 7.86 1.09
N LEU B 201 7.90 8.04 0.95
CA LEU B 201 8.82 7.05 1.49
C LEU B 201 8.65 6.86 3.00
N GLU B 202 8.48 7.96 3.74
CA GLU B 202 8.22 7.81 5.18
C GLU B 202 6.96 6.98 5.47
N THR B 203 5.86 7.35 4.81
CA THR B 203 4.58 6.67 5.05
C THR B 203 4.71 5.16 4.82
N PHE B 204 5.47 4.80 3.79
CA PHE B 204 5.66 3.41 3.40
C PHE B 204 6.85 2.70 4.05
N GLY B 205 7.46 3.35 5.02
CA GLY B 205 8.44 2.71 5.88
C GLY B 205 9.79 2.47 5.23
N VAL B 206 10.06 3.19 4.14
CA VAL B 206 11.30 2.98 3.38
C VAL B 206 12.39 3.94 3.86
N PRO B 207 13.53 3.38 4.32
CA PRO B 207 14.66 4.26 4.68
C PRO B 207 15.15 5.02 3.46
N LEU B 208 15.35 6.33 3.65
CA LEU B 208 16.06 7.14 2.66
C LEU B 208 17.39 7.54 3.28
N ILE B 209 18.46 6.88 2.87
CA ILE B 209 19.79 7.10 3.42
C ILE B 209 20.53 8.10 2.54
N GLY B 210 20.96 9.22 3.12
CA GLY B 210 21.94 10.07 2.49
C GLY B 210 23.34 9.50 2.67
N TYR B 211 24.09 9.36 1.60
CA TYR B 211 25.46 8.93 1.77
C TYR B 211 26.34 10.16 2.01
N GLN B 212 26.86 10.25 3.23
CA GLN B 212 27.66 11.40 3.63
C GLN B 212 26.96 12.73 3.39
N THR B 213 25.63 12.73 3.46
CA THR B 213 24.87 13.97 3.29
C THR B 213 23.55 13.92 4.05
N LYS B 214 23.16 15.03 4.66
CA LYS B 214 21.83 15.13 5.25
C LYS B 214 20.79 15.57 4.22
N ALA B 215 21.22 16.45 3.32
CA ALA B 215 20.35 16.93 2.25
C ALA B 215 20.18 15.84 1.19
N LEU B 216 18.96 15.71 0.70
CA LEU B 216 18.68 14.76 -0.37
C LEU B 216 19.27 15.26 -1.69
N PRO B 217 20.19 14.49 -2.27
CA PRO B 217 20.67 14.91 -3.60
C PRO B 217 19.55 14.87 -4.65
N ALA B 218 19.61 15.89 -5.50
CA ALA B 218 18.73 16.11 -6.64
C ALA B 218 19.27 15.65 -8.00
N PHE B 219 20.07 14.58 -8.05
CA PHE B 219 20.49 14.04 -9.36
C PHE B 219 21.50 14.97 -10.01
N PHE B 220 21.09 15.80 -10.97
CA PHE B 220 22.02 16.83 -11.48
C PHE B 220 22.61 17.72 -10.39
N CYS B 221 21.92 17.84 -9.25
CA CYS B 221 22.35 18.72 -8.15
C CYS B 221 22.81 17.91 -6.93
N ARG B 222 23.87 18.35 -6.27
CA ARG B 222 24.32 17.64 -5.07
C ARG B 222 23.35 17.74 -3.91
N THR B 223 22.71 18.90 -3.82
CA THR B 223 21.90 19.24 -2.68
C THR B 223 20.54 19.72 -3.13
N SER B 224 19.55 19.39 -2.33
CA SER B 224 18.20 19.82 -2.56
C SER B 224 17.79 20.41 -1.24
N PRO B 225 16.73 21.22 -1.23
CA PRO B 225 16.23 21.76 0.02
C PRO B 225 15.30 20.73 0.67
N PHE B 226 15.88 19.59 1.02
CA PHE B 226 15.17 18.50 1.67
C PHE B 226 16.17 17.67 2.45
N ASP B 227 15.69 16.91 3.43
CA ASP B 227 16.57 16.06 4.22
C ASP B 227 16.20 14.59 4.13
N VAL B 228 17.19 13.75 3.83
CA VAL B 228 17.01 12.31 3.85
C VAL B 228 16.50 11.92 5.24
N SER B 229 16.18 10.65 5.46
CA SER B 229 15.71 10.20 6.77
C SER B 229 16.88 9.92 7.69
N ILE B 230 17.98 9.43 7.13
CA ILE B 230 19.20 9.27 7.90
C ILE B 230 20.47 9.43 7.04
N ARG B 231 21.47 10.11 7.57
CA ARG B 231 22.78 10.18 6.92
C ARG B 231 23.68 9.08 7.47
N LEU B 232 24.31 8.33 6.56
CA LEU B 232 25.31 7.34 6.96
C LEU B 232 26.54 7.57 6.12
N ASP B 233 27.70 7.46 6.74
CA ASP B 233 28.95 7.84 6.09
C ASP B 233 29.79 6.72 5.48
N SER B 234 29.35 5.47 5.61
CA SER B 234 30.14 4.36 5.09
C SER B 234 29.28 3.24 4.55
N ALA B 235 29.82 2.51 3.59
CA ALA B 235 29.15 1.33 3.06
C ALA B 235 28.87 0.35 4.17
N SER B 236 29.81 0.25 5.11
CA SER B 236 29.72 -0.71 6.20
C SER B 236 28.46 -0.51 7.06
N GLU B 237 28.21 0.75 7.43
CA GLU B 237 27.02 1.08 8.21
C GLU B 237 25.76 0.72 7.45
N ILE B 238 25.78 1.00 6.15
CA ILE B 238 24.62 0.68 5.30
C ILE B 238 24.34 -0.81 5.29
N ALA B 239 25.37 -1.62 5.07
CA ALA B 239 25.22 -3.07 5.06
C ALA B 239 24.73 -3.62 6.40
N ARG B 240 25.29 -3.14 7.51
CA ARG B 240 24.82 -3.58 8.82
C ARG B 240 23.32 -3.30 8.99
N ALA B 241 22.91 -2.10 8.59
CA ALA B 241 21.50 -1.71 8.65
C ALA B 241 20.62 -2.63 7.80
N MET B 242 21.08 -2.99 6.61
CA MET B 242 20.36 -3.95 5.78
C MET B 242 20.15 -5.26 6.54
N VAL B 243 21.23 -5.76 7.13
CA VAL B 243 21.17 -7.02 7.84
C VAL B 243 20.16 -6.96 8.99
N VAL B 244 20.26 -5.94 9.82
CA VAL B 244 19.30 -5.79 10.93
C VAL B 244 17.87 -5.66 10.43
N LYS B 245 17.67 -4.85 9.41
CA LYS B 245 16.33 -4.60 8.85
C LYS B 245 15.67 -5.91 8.43
N TRP B 246 16.38 -6.70 7.64
CA TRP B 246 15.78 -7.94 7.14
C TRP B 246 15.74 -9.08 8.16
N GLN B 247 16.73 -9.15 9.04
CA GLN B 247 16.68 -10.15 10.11
C GLN B 247 15.55 -9.88 11.09
N SER B 248 15.13 -8.62 11.17
CA SER B 248 14.03 -8.23 12.06
C SER B 248 12.69 -8.38 11.34
N GLY B 249 12.76 -8.77 10.07
CA GLY B 249 11.57 -9.06 9.30
C GLY B 249 10.90 -7.83 8.72
N LEU B 250 11.61 -6.71 8.62
CA LEU B 250 10.94 -5.55 8.03
C LEU B 250 11.24 -5.60 6.56
N ASN B 251 10.29 -6.14 5.81
CA ASN B 251 10.52 -6.36 4.40
C ASN B 251 10.33 -5.03 3.73
N GLY B 252 11.13 -4.81 2.69
CA GLY B 252 11.06 -3.59 1.90
C GLY B 252 12.49 -3.26 1.50
N GLY B 253 12.65 -2.25 0.66
CA GLY B 253 13.97 -1.89 0.19
C GLY B 253 14.52 -0.70 0.93
N LEU B 254 15.70 -0.25 0.52
CA LEU B 254 16.31 0.95 1.07
C LEU B 254 16.80 1.82 -0.07
N VAL B 255 16.59 3.13 0.03
CA VAL B 255 17.13 4.03 -0.98
C VAL B 255 18.43 4.60 -0.43
N VAL B 256 19.51 4.52 -1.20
CA VAL B 256 20.75 5.20 -0.84
C VAL B 256 20.97 6.29 -1.87
N ALA B 257 20.89 7.54 -1.42
CA ALA B 257 20.99 8.70 -2.28
C ALA B 257 22.40 9.24 -2.14
N ASN B 258 23.13 9.15 -3.26
CA ASN B 258 24.54 9.45 -3.34
C ASN B 258 24.76 10.63 -4.28
N PRO B 259 25.20 11.77 -3.74
CA PRO B 259 25.34 13.02 -4.48
C PRO B 259 26.33 12.87 -5.63
N ILE B 260 26.00 13.47 -6.76
CA ILE B 260 26.90 13.45 -7.92
C ILE B 260 28.20 14.16 -7.53
N PRO B 261 29.36 13.68 -8.05
CA PRO B 261 30.60 14.38 -7.71
C PRO B 261 30.54 15.84 -8.14
N GLU B 262 31.10 16.74 -7.35
CA GLU B 262 31.03 18.16 -7.63
C GLU B 262 31.44 18.51 -9.07
N GLN B 263 32.47 17.83 -9.58
CA GLN B 263 33.02 18.13 -10.90
C GLN B 263 31.98 18.00 -12.02
N PHE B 264 31.05 17.07 -11.84
CA PHE B 264 30.04 16.76 -12.85
C PHE B 264 28.66 17.36 -12.61
N ALA B 265 28.46 18.06 -11.51
CA ALA B 265 27.16 18.65 -11.20
C ALA B 265 26.83 19.71 -12.24
N MET B 266 25.54 19.87 -12.53
CA MET B 266 25.07 20.88 -13.48
C MET B 266 24.90 22.21 -12.78
N PRO B 267 25.10 23.32 -13.51
CA PRO B 267 24.79 24.63 -12.93
C PRO B 267 23.31 24.69 -12.50
N GLU B 268 23.05 25.11 -11.28
CA GLU B 268 21.70 25.09 -10.72
C GLU B 268 20.65 25.79 -11.59
N HIS B 269 20.90 27.05 -11.91
CA HIS B 269 19.93 27.84 -12.67
C HIS B 269 19.63 27.23 -14.05
N THR B 270 20.68 26.83 -14.75
CA THR B 270 20.55 26.27 -16.10
C THR B 270 19.67 25.02 -16.09
N ILE B 271 20.02 24.07 -15.21
CA ILE B 271 19.31 22.80 -15.15
C ILE B 271 17.88 22.97 -14.66
N ASN B 272 17.64 23.81 -13.65
CA ASN B 272 16.28 23.98 -13.17
C ASN B 272 15.39 24.70 -14.21
N ALA B 273 15.99 25.60 -14.97
CA ALA B 273 15.26 26.24 -16.07
C ALA B 273 14.87 25.20 -17.11
N ALA B 274 15.85 24.38 -17.50
CA ALA B 274 15.59 23.31 -18.48
C ALA B 274 14.49 22.36 -18.01
N ILE B 275 14.59 21.93 -16.75
CA ILE B 275 13.63 21.01 -16.17
C ILE B 275 12.22 21.62 -16.15
N ASP B 276 12.13 22.86 -15.67
CA ASP B 276 10.84 23.54 -15.61
C ASP B 276 10.21 23.66 -17.00
N GLN B 277 11.03 23.99 -17.99
CA GLN B 277 10.53 24.10 -19.37
C GLN B 277 10.04 22.76 -19.89
N ALA B 278 10.83 21.71 -19.67
CA ALA B 278 10.45 20.37 -20.09
C ALA B 278 9.14 19.93 -19.45
N VAL B 279 8.97 20.20 -18.15
CA VAL B 279 7.74 19.84 -17.44
C VAL B 279 6.56 20.59 -18.04
N ALA B 280 6.74 21.89 -18.24
CA ALA B 280 5.67 22.70 -18.80
C ALA B 280 5.26 22.18 -20.17
N GLU B 281 6.24 21.83 -20.99
CA GLU B 281 5.98 21.32 -22.34
C GLU B 281 5.27 19.97 -22.32
N ALA B 282 5.71 19.08 -21.43
CA ALA B 282 5.06 17.78 -21.29
C ALA B 282 3.59 17.99 -20.95
N GLU B 283 3.32 18.87 -20.00
CA GLU B 283 1.93 19.11 -19.59
C GLU B 283 1.13 19.73 -20.74
N ALA B 284 1.74 20.67 -21.46
CA ALA B 284 1.09 21.30 -22.60
C ALA B 284 0.73 20.31 -23.69
N GLN B 285 1.60 19.32 -23.91
CA GLN B 285 1.44 18.34 -24.98
C GLN B 285 0.66 17.10 -24.55
N GLY B 286 0.22 17.07 -23.30
CA GLY B 286 -0.54 15.94 -22.78
C GLY B 286 0.27 14.65 -22.68
N VAL B 287 1.56 14.76 -22.42
CA VAL B 287 2.38 13.58 -22.22
C VAL B 287 2.11 13.04 -20.83
N ILE B 288 1.68 11.79 -20.74
CA ILE B 288 1.31 11.21 -19.46
C ILE B 288 1.81 9.79 -19.33
N GLY B 289 1.60 9.21 -18.15
CA GLY B 289 1.93 7.82 -17.92
C GLY B 289 3.38 7.45 -18.13
N LYS B 290 3.61 6.23 -18.61
CA LYS B 290 4.97 5.71 -18.73
C LYS B 290 5.81 6.49 -19.71
N GLU B 291 5.19 7.32 -20.54
CA GLU B 291 5.95 8.14 -21.49
C GLU B 291 6.56 9.40 -20.84
N SER B 292 6.10 9.77 -19.64
CA SER B 292 6.52 11.01 -19.01
C SER B 292 8.02 11.13 -18.81
N THR B 293 8.59 10.24 -18.01
CA THR B 293 10.00 10.34 -17.65
C THR B 293 10.94 10.33 -18.88
N PRO B 294 10.73 9.39 -19.83
CA PRO B 294 11.61 9.39 -21.00
C PRO B 294 11.53 10.70 -21.80
N PHE B 295 10.32 11.24 -21.95
CA PHE B 295 10.14 12.52 -22.64
C PHE B 295 10.88 13.65 -21.94
N LEU B 296 10.74 13.71 -20.62
CA LEU B 296 11.36 14.76 -19.82
C LEU B 296 12.89 14.71 -19.88
N LEU B 297 13.45 13.52 -19.67
CA LEU B 297 14.89 13.39 -19.68
C LEU B 297 15.45 13.74 -21.05
N ALA B 298 14.77 13.28 -22.10
CA ALA B 298 15.21 13.58 -23.47
C ALA B 298 15.20 15.08 -23.72
N ARG B 299 14.15 15.74 -23.27
CA ARG B 299 14.00 17.18 -23.50
C ARG B 299 15.05 17.99 -22.74
N VAL B 300 15.27 17.63 -21.48
CA VAL B 300 16.28 18.30 -20.68
C VAL B 300 17.65 18.17 -21.35
N ALA B 301 17.95 16.99 -21.87
CA ALA B 301 19.22 16.77 -22.58
C ALA B 301 19.32 17.66 -23.82
N GLU B 302 18.21 17.79 -24.54
CA GLU B 302 18.17 18.65 -25.72
C GLU B 302 18.39 20.11 -25.33
N LEU B 303 17.70 20.54 -24.27
CA LEU B 303 17.73 21.94 -23.84
C LEU B 303 19.06 22.34 -23.21
N THR B 304 19.79 21.37 -22.66
CA THR B 304 21.12 21.62 -22.12
C THR B 304 22.23 21.26 -23.10
N GLY B 305 21.85 20.96 -24.34
CA GLY B 305 22.82 20.65 -25.37
C GLY B 305 23.63 19.42 -25.03
N GLY B 306 23.02 18.50 -24.29
CA GLY B 306 23.65 17.24 -23.98
C GLY B 306 24.39 17.17 -22.65
N ASP B 307 24.52 18.31 -21.97
CA ASP B 307 25.25 18.34 -20.68
C ASP B 307 24.56 17.53 -19.57
N SER B 308 23.23 17.56 -19.54
CA SER B 308 22.51 16.83 -18.51
C SER B 308 22.80 15.32 -18.64
N LEU B 309 22.88 14.84 -19.87
CA LEU B 309 23.21 13.44 -20.13
C LEU B 309 24.61 13.08 -19.65
N LYS B 310 25.61 13.92 -19.96
CA LYS B 310 26.95 13.66 -19.46
C LYS B 310 26.99 13.57 -17.94
N SER B 311 26.23 14.47 -17.29
CA SER B 311 26.07 14.41 -15.84
C SER B 311 25.45 13.09 -15.36
N ASN B 312 24.37 12.67 -16.03
CA ASN B 312 23.68 11.41 -15.74
C ASN B 312 24.66 10.24 -15.80
N ILE B 313 25.48 10.25 -16.85
CA ILE B 313 26.45 9.18 -17.02
C ILE B 313 27.43 9.12 -15.85
N GLN B 314 28.00 10.27 -15.50
CA GLN B 314 28.92 10.30 -14.37
C GLN B 314 28.30 9.86 -13.04
N LEU B 315 27.07 10.30 -12.76
CA LEU B 315 26.45 9.90 -11.52
C LEU B 315 26.17 8.40 -11.49
N VAL B 316 25.85 7.83 -12.64
CA VAL B 316 25.71 6.38 -12.73
C VAL B 316 27.00 5.68 -12.32
N PHE B 317 28.14 6.10 -12.91
CA PHE B 317 29.42 5.48 -12.53
C PHE B 317 29.71 5.59 -11.02
N ASN B 318 29.50 6.79 -10.48
CA ASN B 318 29.72 7.03 -9.05
C ASN B 318 28.87 6.09 -8.17
N ASN B 319 27.61 5.93 -8.56
CA ASN B 319 26.71 5.05 -7.86
C ASN B 319 27.17 3.60 -7.95
N ALA B 320 27.71 3.20 -9.09
CA ALA B 320 28.20 1.84 -9.22
C ALA B 320 29.38 1.60 -8.27
N ILE B 321 30.22 2.60 -8.10
CA ILE B 321 31.33 2.44 -7.15
C ILE B 321 30.83 2.24 -5.71
N LEU B 322 29.94 3.14 -5.26
CA LEU B 322 29.39 2.98 -3.91
C LEU B 322 28.65 1.65 -3.77
N ALA B 323 27.86 1.28 -4.77
CA ALA B 323 27.08 0.05 -4.72
C ALA B 323 28.00 -1.15 -4.58
N SER B 324 29.13 -1.12 -5.27
CA SER B 324 30.07 -2.22 -5.16
C SER B 324 30.60 -2.34 -3.74
N GLU B 325 30.91 -1.20 -3.12
CA GLU B 325 31.40 -1.26 -1.73
C GLU B 325 30.32 -1.80 -0.78
N ILE B 326 29.07 -1.34 -0.97
CA ILE B 326 27.98 -1.83 -0.13
C ILE B 326 27.80 -3.34 -0.31
N ALA B 327 27.89 -3.80 -1.55
CA ALA B 327 27.74 -5.23 -1.84
C ALA B 327 28.84 -6.03 -1.11
N LYS B 328 30.07 -5.55 -1.20
CA LYS B 328 31.18 -6.19 -0.48
C LYS B 328 30.93 -6.26 1.03
N GLU B 329 30.53 -5.15 1.63
CA GLU B 329 30.36 -5.15 3.08
C GLU B 329 29.20 -6.04 3.49
N TYR B 330 28.12 -6.00 2.70
CA TYR B 330 26.96 -6.84 2.96
C TYR B 330 27.34 -8.31 2.94
N GLN B 331 28.04 -8.73 1.88
CA GLN B 331 28.43 -10.12 1.78
C GLN B 331 29.32 -10.49 2.95
N ARG B 332 30.21 -9.58 3.33
CA ARG B 332 31.07 -9.80 4.50
C ARG B 332 30.24 -10.12 5.75
N LEU B 333 29.15 -9.39 5.95
CA LEU B 333 28.34 -9.53 7.16
C LEU B 333 27.38 -10.71 7.12
N ILE C 29 14.41 -12.46 15.76
CA ILE C 29 14.71 -13.76 16.36
C ILE C 29 15.89 -13.69 17.32
N SER C 30 17.05 -13.27 16.82
CA SER C 30 18.27 -13.19 17.63
C SER C 30 18.07 -12.40 18.94
N PRO C 31 18.64 -12.93 20.04
CA PRO C 31 18.57 -12.27 21.35
C PRO C 31 19.34 -10.96 21.32
N GLU C 32 20.26 -10.84 20.38
CA GLU C 32 20.99 -9.60 20.20
C GLU C 32 20.03 -8.52 19.72
N LEU C 33 19.07 -8.94 18.90
CA LEU C 33 18.07 -8.06 18.31
C LEU C 33 16.84 -7.76 19.17
N LEU C 34 16.34 -8.79 19.85
CA LEU C 34 15.06 -8.69 20.55
C LEU C 34 15.11 -9.37 21.91
N GLN C 35 14.69 -8.64 22.95
CA GLN C 35 14.65 -9.20 24.31
C GLN C 35 13.32 -8.91 25.00
N ILE C 36 12.68 -9.98 25.48
CA ILE C 36 11.45 -9.86 26.25
C ILE C 36 11.76 -10.05 27.71
N SER C 37 11.28 -9.14 28.55
CA SER C 37 11.56 -9.22 29.99
C SER C 37 10.91 -10.45 30.61
N PRO C 38 11.52 -10.98 31.68
CA PRO C 38 11.02 -12.17 32.37
C PRO C 38 9.53 -12.11 32.71
N GLU C 39 9.03 -10.98 33.20
CA GLU C 39 7.61 -10.89 33.53
C GLU C 39 6.78 -11.21 32.29
N VAL C 40 7.08 -10.52 31.19
CA VAL C 40 6.34 -10.69 29.95
C VAL C 40 6.46 -12.11 29.40
N GLN C 41 7.68 -12.66 29.43
CA GLN C 41 7.90 -14.02 28.96
C GLN C 41 7.06 -15.00 29.76
N ASP C 42 7.02 -14.81 31.08
CA ASP C 42 6.23 -15.65 31.98
C ASP C 42 4.76 -15.58 31.59
N ALA C 43 4.26 -14.35 31.47
CA ALA C 43 2.87 -14.14 31.06
C ALA C 43 2.55 -14.84 29.74
N LEU C 44 3.50 -14.79 28.80
CA LEU C 44 3.30 -15.33 27.47
C LEU C 44 3.27 -16.85 27.45
N LYS C 45 4.26 -17.48 28.11
CA LYS C 45 4.32 -18.93 28.18
C LYS C 45 3.14 -19.48 28.98
N ASN C 46 2.75 -18.76 30.02
CA ASN C 46 1.66 -19.17 30.88
C ASN C 46 0.30 -18.62 30.44
N LYS C 47 0.30 -17.93 29.31
CA LYS C 47 -0.94 -17.50 28.66
C LYS C 47 -1.81 -16.57 29.51
N LYS C 48 -1.20 -15.60 30.18
CA LYS C 48 -1.94 -14.52 30.80
C LYS C 48 -2.05 -13.38 29.80
N PRO C 49 -3.09 -12.54 29.94
CA PRO C 49 -3.25 -11.47 28.95
C PRO C 49 -2.15 -10.41 29.05
N VAL C 50 -1.61 -10.01 27.90
CA VAL C 50 -0.55 -9.03 27.85
C VAL C 50 -0.98 -7.81 27.05
N VAL C 51 -0.70 -6.63 27.58
CA VAL C 51 -1.05 -5.39 26.88
C VAL C 51 0.20 -4.55 26.60
N ALA C 52 0.50 -4.36 25.31
CA ALA C 52 1.67 -3.59 24.90
C ALA C 52 1.45 -2.09 25.02
N LEU C 53 2.55 -1.36 25.19
CA LEU C 53 2.55 0.10 25.35
C LEU C 53 3.69 0.67 24.52
N GLU C 54 3.53 1.88 23.98
CA GLU C 54 4.58 2.45 23.17
C GLU C 54 5.47 3.37 24.00
N SER C 55 6.60 3.77 23.43
CA SER C 55 7.47 4.75 24.09
C SER C 55 7.58 6.15 23.49
N THR C 56 7.07 6.38 22.27
CA THR C 56 7.20 7.71 21.69
C THR C 56 6.32 8.68 22.48
N ILE C 57 5.17 8.17 22.93
CA ILE C 57 4.29 8.95 23.78
C ILE C 57 5.04 9.44 25.02
N ILE C 58 6.01 8.65 25.47
CA ILE C 58 6.81 9.04 26.64
C ILE C 58 7.83 10.11 26.27
N SER C 59 8.73 9.76 25.36
CA SER C 59 9.83 10.67 25.04
C SER C 59 9.37 11.91 24.28
N HIS C 60 8.50 11.71 23.29
CA HIS C 60 8.00 12.81 22.47
C HIS C 60 6.55 13.27 22.62
N GLY C 61 5.74 12.57 23.40
CA GLY C 61 4.33 12.88 23.45
C GLY C 61 3.91 13.68 24.66
N MET C 62 4.78 13.71 25.66
CA MET C 62 4.52 14.37 26.95
C MET C 62 5.83 14.89 27.54
N PRO C 63 5.74 15.93 28.39
CA PRO C 63 6.92 16.46 29.09
C PRO C 63 7.32 15.63 30.31
N PHE C 64 8.57 15.78 30.73
CA PHE C 64 9.02 15.22 32.01
C PHE C 64 8.61 16.17 33.14
N PRO C 65 8.24 15.65 34.31
CA PRO C 65 8.05 14.28 34.81
C PRO C 65 6.78 13.55 34.36
N GLN C 66 5.78 14.26 33.84
CA GLN C 66 4.48 13.65 33.54
C GLN C 66 4.62 12.42 32.64
N ASN C 67 5.57 12.44 31.72
CA ASN C 67 5.73 11.32 30.79
C ASN C 67 6.02 9.99 31.47
N ALA C 68 7.07 9.95 32.30
CA ALA C 68 7.42 8.74 33.03
C ALA C 68 6.39 8.39 34.11
N GLN C 69 5.91 9.40 34.84
CA GLN C 69 4.88 9.18 35.84
C GLN C 69 3.69 8.43 35.20
N THR C 70 3.25 8.94 34.05
CA THR C 70 2.13 8.36 33.35
C THR C 70 2.45 6.97 32.82
N ALA C 71 3.63 6.78 32.25
CA ALA C 71 3.99 5.44 31.76
C ALA C 71 3.95 4.39 32.89
N ILE C 72 4.59 4.72 34.02
CA ILE C 72 4.62 3.81 35.15
C ILE C 72 3.21 3.53 35.68
N GLU C 73 2.39 4.58 35.76
CA GLU C 73 1.04 4.43 36.28
C GLU C 73 0.13 3.66 35.30
N VAL C 74 0.38 3.78 34.01
CA VAL C 74 -0.43 3.04 33.06
C VAL C 74 -0.11 1.55 33.20
N GLU C 75 1.17 1.23 33.35
CA GLU C 75 1.55 -0.14 33.68
C GLU C 75 0.80 -0.64 34.94
N GLU C 76 0.86 0.13 36.01
CA GLU C 76 0.15 -0.27 37.24
C GLU C 76 -1.37 -0.47 37.02
N THR C 77 -1.98 0.38 36.20
CA THR C 77 -3.40 0.27 35.86
C THR C 77 -3.68 -1.08 35.19
N ILE C 78 -2.85 -1.41 34.20
CA ILE C 78 -2.96 -2.69 33.53
C ILE C 78 -2.88 -3.82 34.55
N ARG C 79 -1.86 -3.79 35.42
CA ARG C 79 -1.74 -4.83 36.43
C ARG C 79 -2.95 -4.95 37.34
N LYS C 80 -3.53 -3.82 37.72
CA LYS C 80 -4.70 -3.82 38.59
C LYS C 80 -5.94 -4.35 37.87
N GLN C 81 -5.90 -4.34 36.54
CA GLN C 81 -6.97 -4.96 35.76
C GLN C 81 -6.81 -6.48 35.61
N GLY C 82 -5.69 -7.01 36.09
CA GLY C 82 -5.44 -8.44 36.02
C GLY C 82 -4.77 -8.86 34.73
N ALA C 83 -4.13 -7.90 34.07
CA ALA C 83 -3.33 -8.20 32.88
C ALA C 83 -1.87 -7.83 33.12
N VAL C 84 -1.03 -8.08 32.13
CA VAL C 84 0.40 -7.79 32.24
C VAL C 84 0.89 -6.76 31.23
N PRO C 85 1.35 -5.60 31.72
CA PRO C 85 1.81 -4.54 30.81
C PRO C 85 3.15 -4.91 30.17
N ALA C 86 3.34 -4.57 28.90
CA ALA C 86 4.65 -4.64 28.30
C ALA C 86 4.93 -3.33 27.57
N THR C 87 5.81 -2.52 28.15
CA THR C 87 6.18 -1.29 27.48
C THR C 87 7.33 -1.58 26.56
N ILE C 88 7.25 -1.08 25.34
CA ILE C 88 8.20 -1.43 24.30
C ILE C 88 9.05 -0.23 23.94
N ALA C 89 10.34 -0.48 23.74
CA ALA C 89 11.23 0.60 23.33
C ALA C 89 12.49 -0.01 22.75
N ILE C 90 13.40 0.82 22.25
CA ILE C 90 14.73 0.33 21.87
C ILE C 90 15.72 0.80 22.92
N ILE C 91 16.33 -0.14 23.62
CA ILE C 91 17.31 0.21 24.65
C ILE C 91 18.67 -0.37 24.29
N GLY C 92 19.64 0.52 24.12
CA GLY C 92 20.98 0.11 23.76
C GLY C 92 21.03 -0.76 22.52
N GLY C 93 20.20 -0.43 21.54
CA GLY C 93 20.19 -1.15 20.27
C GLY C 93 19.32 -2.39 20.27
N VAL C 94 18.72 -2.70 21.41
CA VAL C 94 17.89 -3.89 21.53
C VAL C 94 16.42 -3.55 21.54
N MET C 95 15.65 -4.26 20.71
CA MET C 95 14.21 -4.07 20.78
C MET C 95 13.79 -4.77 22.06
N LYS C 96 13.26 -3.97 22.99
CA LYS C 96 12.86 -4.46 24.29
C LYS C 96 11.35 -4.47 24.50
N VAL C 97 10.87 -5.64 24.91
CA VAL C 97 9.48 -5.85 25.27
C VAL C 97 9.40 -6.01 26.79
N GLY C 98 8.90 -4.98 27.43
CA GLY C 98 8.88 -4.81 28.86
C GLY C 98 10.11 -4.03 29.27
N LEU C 99 9.92 -3.05 30.12
CA LEU C 99 10.99 -2.14 30.45
C LEU C 99 11.05 -2.02 31.95
N SER C 100 12.23 -1.69 32.47
CA SER C 100 12.40 -1.38 33.88
C SER C 100 11.88 0.02 34.17
N LYS C 101 11.61 0.29 35.44
CA LYS C 101 11.22 1.63 35.84
C LYS C 101 12.30 2.64 35.43
N GLU C 102 13.56 2.28 35.67
CA GLU C 102 14.70 3.13 35.32
C GLU C 102 14.80 3.44 33.81
N GLU C 103 14.47 2.46 32.98
CA GLU C 103 14.49 2.68 31.54
C GLU C 103 13.37 3.65 31.13
N ILE C 104 12.18 3.44 31.70
CA ILE C 104 11.06 4.32 31.44
C ILE C 104 11.42 5.75 31.84
N GLU C 105 12.03 5.90 33.01
CA GLU C 105 12.43 7.22 33.46
C GLU C 105 13.53 7.80 32.58
N LEU C 106 14.39 6.94 32.04
CA LEU C 106 15.43 7.40 31.13
C LEU C 106 14.80 8.00 29.88
N LEU C 107 13.85 7.29 29.29
CA LEU C 107 13.17 7.77 28.09
C LEU C 107 12.45 9.07 28.37
N GLY C 108 11.80 9.14 29.54
CA GLY C 108 11.09 10.35 29.93
C GLY C 108 12.00 11.55 30.12
N ARG C 109 13.11 11.34 30.83
CA ARG C 109 14.04 12.41 31.17
C ARG C 109 14.81 12.88 29.93
N GLU C 110 15.26 11.94 29.12
CA GLU C 110 15.94 12.24 27.87
C GLU C 110 15.02 12.95 26.88
N GLY C 111 13.75 12.57 26.89
CA GLY C 111 12.77 13.29 26.09
C GLY C 111 13.11 13.36 24.62
N HIS C 112 13.18 14.57 24.06
CA HIS C 112 13.44 14.70 22.63
C HIS C 112 14.86 14.26 22.26
N ASN C 113 15.72 14.13 23.26
CA ASN C 113 17.09 13.68 23.03
C ASN C 113 17.18 12.21 22.59
N VAL C 114 16.11 11.46 22.77
CA VAL C 114 16.06 10.09 22.30
C VAL C 114 15.40 10.06 20.92
N THR C 115 15.88 9.16 20.05
CA THR C 115 15.38 9.08 18.69
C THR C 115 13.93 8.61 18.63
N LYS C 116 13.10 9.32 17.87
CA LYS C 116 11.73 8.89 17.59
C LYS C 116 11.79 7.86 16.48
N VAL C 117 11.23 6.68 16.73
CA VAL C 117 11.47 5.55 15.85
C VAL C 117 10.19 5.03 15.20
N SER C 118 10.08 5.26 13.89
CA SER C 118 9.02 4.66 13.09
C SER C 118 9.63 3.50 12.30
N ARG C 119 8.83 2.88 11.43
CA ARG C 119 9.31 1.74 10.66
C ARG C 119 10.61 2.06 9.89
N ARG C 120 10.67 3.22 9.26
CA ARG C 120 11.86 3.59 8.46
C ARG C 120 13.09 3.87 9.31
N ASP C 121 12.88 4.22 10.59
CA ASP C 121 13.98 4.49 11.53
C ASP C 121 14.56 3.25 12.21
N LEU C 122 13.71 2.24 12.38
CA LEU C 122 14.01 1.14 13.30
C LEU C 122 15.36 0.43 13.07
N PRO C 123 15.67 0.05 11.83
CA PRO C 123 16.90 -0.73 11.64
C PRO C 123 18.16 0.04 12.06
N PHE C 124 18.14 1.36 11.95
CA PHE C 124 19.34 2.16 12.20
C PHE C 124 19.64 2.37 13.68
N VAL C 125 18.58 2.53 14.48
CA VAL C 125 18.75 2.64 15.93
C VAL C 125 19.25 1.31 16.49
N VAL C 126 18.65 0.23 16.04
CA VAL C 126 19.09 -1.11 16.44
C VAL C 126 20.54 -1.37 16.04
N ALA C 127 20.86 -1.18 14.76
CA ALA C 127 22.22 -1.42 14.27
C ALA C 127 23.29 -0.60 14.98
N ALA C 128 22.93 0.62 15.39
CA ALA C 128 23.90 1.52 15.98
C ALA C 128 23.96 1.40 17.51
N GLY C 129 23.14 0.51 18.06
CA GLY C 129 23.13 0.27 19.49
C GLY C 129 22.63 1.45 20.31
N LYS C 130 21.67 2.20 19.77
CA LYS C 130 21.21 3.39 20.47
C LYS C 130 19.87 3.19 21.15
N ASN C 131 19.45 4.21 21.91
CA ASN C 131 18.11 4.19 22.48
C ASN C 131 17.11 4.76 21.49
N GLY C 132 15.88 4.27 21.52
CA GLY C 132 14.85 4.88 20.71
C GLY C 132 13.47 4.68 21.30
N ALA C 133 12.61 5.65 21.04
CA ALA C 133 11.22 5.60 21.49
C ALA C 133 10.35 5.24 20.29
N THR C 134 9.64 4.13 20.41
CA THR C 134 8.91 3.53 19.29
C THR C 134 7.49 4.10 19.14
N THR C 135 7.13 4.45 17.92
CA THR C 135 5.79 4.97 17.63
C THR C 135 4.79 3.82 17.63
N VAL C 136 3.53 4.14 17.36
CA VAL C 136 2.53 3.09 17.20
C VAL C 136 3.04 2.09 16.16
N ALA C 137 3.63 2.59 15.07
CA ALA C 137 4.08 1.69 14.02
C ALA C 137 5.12 0.67 14.51
N SER C 138 6.19 1.19 15.12
CA SER C 138 7.30 0.35 15.54
C SER C 138 6.92 -0.53 16.72
N THR C 139 6.06 -0.01 17.59
CA THR C 139 5.54 -0.78 18.71
C THR C 139 4.66 -1.94 18.21
N MET C 140 3.86 -1.69 17.17
CA MET C 140 3.06 -2.75 16.58
C MET C 140 4.00 -3.82 16.04
N ILE C 141 5.05 -3.39 15.34
CA ILE C 141 5.99 -4.34 14.76
C ILE C 141 6.57 -5.26 15.83
N ILE C 142 7.08 -4.64 16.88
CA ILE C 142 7.76 -5.38 17.93
C ILE C 142 6.82 -6.25 18.76
N ALA C 143 5.62 -5.75 19.02
CA ALA C 143 4.61 -6.54 19.71
C ALA C 143 4.29 -7.77 18.88
N ALA C 144 4.17 -7.59 17.57
CA ALA C 144 3.85 -8.71 16.69
C ALA C 144 4.98 -9.74 16.70
N LEU C 145 6.21 -9.25 16.70
CA LEU C 145 7.36 -10.13 16.88
C LEU C 145 7.27 -10.93 18.18
N ALA C 146 6.73 -10.31 19.23
CA ALA C 146 6.64 -10.97 20.52
C ALA C 146 5.34 -11.77 20.69
N GLY C 147 4.44 -11.66 19.72
CA GLY C 147 3.18 -12.39 19.79
C GLY C 147 2.15 -11.75 20.70
N ILE C 148 2.22 -10.43 20.83
CA ILE C 148 1.24 -9.65 21.58
C ILE C 148 0.23 -9.02 20.64
N LYS C 149 -1.05 -9.33 20.83
CA LYS C 149 -2.10 -8.89 19.91
C LYS C 149 -2.84 -7.62 20.34
N VAL C 150 -2.54 -7.12 21.54
CA VAL C 150 -3.27 -5.98 22.08
C VAL C 150 -2.33 -4.90 22.59
N PHE C 151 -2.58 -3.67 22.18
CA PHE C 151 -1.65 -2.56 22.37
C PHE C 151 -2.47 -1.32 22.74
N ALA C 152 -2.18 -0.70 23.89
CA ALA C 152 -2.91 0.51 24.27
C ALA C 152 -2.04 1.75 24.08
N THR C 153 -2.64 2.83 23.60
CA THR C 153 -1.93 4.11 23.48
C THR C 153 -2.89 5.26 23.76
N GLY C 154 -2.44 6.49 23.56
CA GLY C 154 -3.34 7.62 23.62
C GLY C 154 -4.04 7.89 22.30
N GLY C 155 -3.25 8.11 21.26
CA GLY C 155 -3.85 8.33 19.97
C GLY C 155 -2.91 7.90 18.88
N ILE C 156 -3.49 7.47 17.78
CA ILE C 156 -2.72 6.99 16.66
C ILE C 156 -2.30 8.14 15.77
N GLY C 157 -1.22 7.95 15.02
CA GLY C 157 -0.88 8.87 13.95
C GLY C 157 -1.92 8.69 12.85
N GLY C 158 -1.90 9.58 11.86
CA GLY C 158 -2.93 9.52 10.84
C GLY C 158 -2.65 10.47 9.71
N VAL C 159 -3.69 10.83 8.98
CA VAL C 159 -3.55 11.77 7.86
C VAL C 159 -3.55 13.18 8.44
N HIS C 160 -2.50 13.95 8.11
CA HIS C 160 -2.40 15.31 8.64
C HIS C 160 -3.28 16.31 7.91
N ARG C 161 -3.59 17.39 8.59
CA ARG C 161 -4.26 18.50 7.93
C ARG C 161 -3.42 18.96 6.76
N GLY C 162 -4.06 19.00 5.60
CA GLY C 162 -3.43 19.47 4.36
C GLY C 162 -2.74 18.36 3.59
N ALA C 163 -2.90 17.11 4.03
CA ALA C 163 -2.17 16.01 3.44
C ALA C 163 -2.55 15.80 1.98
N GLU C 164 -3.71 16.28 1.58
CA GLU C 164 -4.07 16.19 0.17
C GLU C 164 -3.03 16.91 -0.68
N HIS C 165 -2.50 18.01 -0.14
CA HIS C 165 -1.38 18.75 -0.71
C HIS C 165 0.03 18.33 -0.29
N THR C 166 0.22 17.98 0.98
CA THR C 166 1.57 17.73 1.49
C THR C 166 2.01 16.26 1.49
N PHE C 167 1.05 15.35 1.29
CA PHE C 167 1.27 13.90 1.45
C PHE C 167 1.75 13.49 2.87
N ASP C 168 1.50 14.30 3.90
CA ASP C 168 2.04 13.93 5.20
C ASP C 168 1.03 12.98 5.84
N ILE C 169 1.40 11.71 5.86
CA ILE C 169 0.49 10.63 6.25
C ILE C 169 1.31 9.68 7.12
N SER C 170 0.84 9.44 8.34
CA SER C 170 1.62 8.65 9.27
C SER C 170 1.84 7.22 8.77
N ALA C 171 3.06 6.71 8.97
CA ALA C 171 3.35 5.31 8.68
C ALA C 171 2.52 4.39 9.60
N ASP C 172 1.97 4.96 10.67
CA ASP C 172 1.08 4.19 11.55
C ASP C 172 -0.04 3.55 10.73
N LEU C 173 -0.56 4.27 9.75
CA LEU C 173 -1.68 3.74 8.97
C LEU C 173 -1.26 2.56 8.10
N GLN C 174 -0.04 2.58 7.57
CA GLN C 174 0.42 1.43 6.81
C GLN C 174 0.69 0.24 7.73
N GLU C 175 1.13 0.55 8.95
CA GLU C 175 1.36 -0.55 9.88
C GLU C 175 0.03 -1.20 10.25
N LEU C 176 -0.99 -0.40 10.45
CA LEU C 176 -2.32 -0.89 10.72
C LEU C 176 -2.86 -1.68 9.54
N ALA C 177 -2.49 -1.28 8.34
CA ALA C 177 -2.88 -2.02 7.15
C ALA C 177 -2.34 -3.43 7.11
N ASN C 178 -1.18 -3.63 7.71
CA ASN C 178 -0.44 -4.83 7.49
C ASN C 178 -0.08 -5.74 8.68
N THR C 179 -0.09 -5.22 9.89
CA THR C 179 0.45 -5.93 11.04
C THR C 179 -0.61 -6.33 12.07
N ASN C 180 -0.56 -7.56 12.59
CA ASN C 180 -1.74 -8.03 13.31
C ASN C 180 -1.73 -7.61 14.77
N VAL C 181 -2.26 -6.43 15.06
CA VAL C 181 -2.32 -5.91 16.41
C VAL C 181 -3.55 -5.03 16.52
N THR C 182 -4.25 -5.14 17.63
CA THR C 182 -5.34 -4.23 17.94
C THR C 182 -4.77 -3.06 18.74
N VAL C 183 -5.02 -1.85 18.27
CA VAL C 183 -4.54 -0.65 18.94
C VAL C 183 -5.72 0.09 19.55
N VAL C 184 -5.69 0.26 20.87
CA VAL C 184 -6.72 0.99 21.59
C VAL C 184 -6.27 2.43 21.82
N CYS C 185 -7.03 3.36 21.27
CA CYS C 185 -6.72 4.78 21.35
C CYS C 185 -7.98 5.56 21.61
N ALA C 186 -7.84 6.86 21.76
CA ALA C 186 -8.96 7.80 21.89
C ALA C 186 -9.33 8.39 20.54
N GLY C 187 -9.03 7.65 19.47
CA GLY C 187 -9.06 8.19 18.13
C GLY C 187 -7.78 8.97 17.97
N ALA C 188 -7.87 10.17 17.42
CA ALA C 188 -6.74 11.09 17.43
C ALA C 188 -7.27 12.51 17.53
N ALA C 189 -6.40 13.41 17.93
CA ALA C 189 -6.76 14.82 18.06
C ALA C 189 -6.93 15.47 16.69
N SER C 190 -7.67 16.58 16.69
CA SER C 190 -7.98 17.32 15.47
C SER C 190 -6.77 18.03 14.87
N ILE C 191 -5.60 17.86 15.49
CA ILE C 191 -4.38 18.20 14.78
C ILE C 191 -4.33 17.44 13.44
N LEU C 192 -4.86 16.22 13.43
CA LEU C 192 -5.06 15.43 12.22
C LEU C 192 -6.32 15.77 11.43
N ASP C 193 -6.36 15.36 10.16
CA ASP C 193 -7.63 15.41 9.43
C ASP C 193 -8.31 14.09 9.66
N LEU C 194 -9.34 14.08 10.50
CA LEU C 194 -9.95 12.83 10.89
C LEU C 194 -10.76 12.21 9.75
N GLY C 195 -11.38 13.04 8.93
CA GLY C 195 -12.18 12.54 7.82
C GLY C 195 -11.31 11.74 6.87
N LEU C 196 -10.23 12.38 6.40
CA LEU C 196 -9.33 11.71 5.48
C LEU C 196 -8.77 10.45 6.11
N THR C 197 -8.45 10.49 7.40
CA THR C 197 -8.01 9.30 8.11
C THR C 197 -9.04 8.16 8.03
N THR C 198 -10.31 8.45 8.27
CA THR C 198 -11.34 7.40 8.12
C THR C 198 -11.42 6.82 6.69
N GLU C 199 -11.25 7.69 5.69
CA GLU C 199 -11.24 7.20 4.31
C GLU C 199 -10.04 6.29 4.06
N TYR C 200 -8.89 6.70 4.60
CA TYR C 200 -7.66 5.99 4.38
C TYR C 200 -7.76 4.60 5.00
N LEU C 201 -8.29 4.55 6.22
CA LEU C 201 -8.46 3.27 6.88
C LEU C 201 -9.36 2.36 6.06
N GLU C 202 -10.46 2.90 5.55
CA GLU C 202 -11.31 2.03 4.73
C GLU C 202 -10.57 1.46 3.52
N THR C 203 -9.88 2.33 2.79
CA THR C 203 -9.15 1.93 1.60
C THR C 203 -8.18 0.77 1.89
N PHE C 204 -7.47 0.85 3.01
CA PHE C 204 -6.54 -0.20 3.40
C PHE C 204 -7.11 -1.36 4.22
N GLY C 205 -8.43 -1.40 4.35
CA GLY C 205 -9.11 -2.56 4.92
C GLY C 205 -9.01 -2.69 6.44
N VAL C 206 -8.71 -1.60 7.12
CA VAL C 206 -8.55 -1.63 8.58
C VAL C 206 -9.87 -1.30 9.29
N PRO C 207 -10.32 -2.20 10.18
CA PRO C 207 -11.53 -1.88 10.94
C PRO C 207 -11.31 -0.68 11.85
N LEU C 208 -12.27 0.25 11.85
CA LEU C 208 -12.26 1.30 12.87
C LEU C 208 -13.48 1.06 13.76
N ILE C 209 -13.22 0.53 14.94
CA ILE C 209 -14.26 0.12 15.86
C ILE C 209 -14.47 1.21 16.88
N GLY C 210 -15.69 1.74 16.99
CA GLY C 210 -16.08 2.56 18.11
C GLY C 210 -16.43 1.73 19.33
N TYR C 211 -15.84 2.07 20.48
CA TYR C 211 -16.25 1.38 21.70
C TYR C 211 -17.40 2.16 22.30
N GLN C 212 -18.57 1.54 22.29
CA GLN C 212 -19.80 2.17 22.74
C GLN C 212 -19.93 3.58 22.16
N THR C 213 -19.55 3.74 20.90
CA THR C 213 -19.79 4.98 20.21
C THR C 213 -19.93 4.76 18.71
N LYS C 214 -20.86 5.46 18.07
CA LYS C 214 -20.91 5.53 16.62
C LYS C 214 -19.97 6.61 16.08
N ALA C 215 -19.96 7.75 16.76
CA ALA C 215 -19.08 8.85 16.37
C ALA C 215 -17.62 8.51 16.67
N LEU C 216 -16.73 8.92 15.78
CA LEU C 216 -15.29 8.74 16.02
C LEU C 216 -14.82 9.73 17.07
N PRO C 217 -14.31 9.23 18.20
CA PRO C 217 -13.72 10.09 19.23
C PRO C 217 -12.57 10.92 18.65
N ALA C 218 -12.56 12.19 19.04
CA ALA C 218 -11.52 13.18 18.76
C ALA C 218 -10.45 13.41 19.85
N PHE C 219 -10.12 12.40 20.66
CA PHE C 219 -9.05 12.60 21.64
C PHE C 219 -9.52 13.53 22.74
N PHE C 220 -9.11 14.80 22.71
CA PHE C 220 -9.65 15.76 23.68
C PHE C 220 -11.19 15.86 23.70
N CYS C 221 -11.85 15.49 22.60
CA CYS C 221 -13.31 15.52 22.49
C CYS C 221 -13.86 14.10 22.41
N ARG C 222 -15.01 13.86 23.01
CA ARG C 222 -15.64 12.54 22.94
C ARG C 222 -16.21 12.20 21.57
N THR C 223 -16.56 13.23 20.79
CA THR C 223 -17.14 13.01 19.47
C THR C 223 -16.49 13.87 18.40
N SER C 224 -16.85 13.61 17.16
CA SER C 224 -16.36 14.39 16.04
C SER C 224 -17.44 14.29 14.96
N PRO C 225 -17.28 15.04 13.85
CA PRO C 225 -18.20 14.99 12.71
C PRO C 225 -18.20 13.65 11.99
N PHE C 226 -17.26 12.77 12.34
CA PHE C 226 -17.03 11.57 11.56
C PHE C 226 -17.42 10.32 12.32
N ASP C 227 -17.73 9.26 11.60
CA ASP C 227 -18.19 8.03 12.23
C ASP C 227 -17.16 6.92 12.07
N VAL C 228 -17.21 5.98 13.00
CA VAL C 228 -16.44 4.75 12.94
C VAL C 228 -17.05 3.78 11.93
N SER C 229 -16.29 2.75 11.58
CA SER C 229 -16.78 1.74 10.63
C SER C 229 -17.78 0.77 11.26
N ILE C 230 -17.59 0.45 12.53
CA ILE C 230 -18.58 -0.34 13.26
C ILE C 230 -18.54 0.01 14.75
N ARG C 231 -19.72 0.08 15.37
CA ARG C 231 -19.82 0.27 16.81
C ARG C 231 -19.93 -1.08 17.50
N LEU C 232 -19.10 -1.30 18.51
CA LEU C 232 -19.15 -2.51 19.33
C LEU C 232 -19.17 -2.10 20.79
N ASP C 233 -20.10 -2.66 21.55
CA ASP C 233 -20.32 -2.24 22.93
C ASP C 233 -19.63 -3.12 23.99
N SER C 234 -18.97 -4.19 23.57
CA SER C 234 -18.27 -5.05 24.53
C SER C 234 -16.88 -5.45 24.07
N ALA C 235 -15.99 -5.75 25.03
CA ALA C 235 -14.65 -6.21 24.72
C ALA C 235 -14.67 -7.60 24.09
N SER C 236 -15.63 -8.42 24.53
CA SER C 236 -15.77 -9.78 24.03
C SER C 236 -16.03 -9.81 22.52
N GLU C 237 -16.89 -8.93 22.04
CA GLU C 237 -17.16 -8.83 20.60
C GLU C 237 -15.88 -8.49 19.83
N ILE C 238 -15.10 -7.55 20.38
CA ILE C 238 -13.86 -7.12 19.75
C ILE C 238 -12.89 -8.30 19.64
N ALA C 239 -12.71 -9.02 20.75
CA ALA C 239 -11.83 -10.19 20.76
C ALA C 239 -12.26 -11.25 19.73
N ARG C 240 -13.56 -11.53 19.69
CA ARG C 240 -14.08 -12.52 18.75
C ARG C 240 -13.79 -12.09 17.31
N ALA C 241 -13.96 -10.79 17.05
CA ALA C 241 -13.75 -10.25 15.72
C ALA C 241 -12.28 -10.37 15.32
N MET C 242 -11.40 -10.16 16.30
CA MET C 242 -9.96 -10.34 16.08
C MET C 242 -9.66 -11.77 15.68
N VAL C 243 -10.19 -12.71 16.45
CA VAL C 243 -10.02 -14.12 16.13
C VAL C 243 -10.52 -14.47 14.71
N VAL C 244 -11.74 -14.07 14.36
CA VAL C 244 -12.27 -14.35 13.02
C VAL C 244 -11.39 -13.72 11.93
N LYS C 245 -10.94 -12.50 12.18
CA LYS C 245 -10.17 -11.75 11.20
C LYS C 245 -8.86 -12.43 10.88
N TRP C 246 -8.11 -12.80 11.92
CA TRP C 246 -6.82 -13.42 11.65
C TRP C 246 -6.92 -14.88 11.26
N GLN C 247 -7.94 -15.57 11.76
CA GLN C 247 -8.18 -16.95 11.35
C GLN C 247 -8.54 -17.01 9.86
N SER C 248 -9.11 -15.92 9.34
CA SER C 248 -9.56 -15.90 7.95
C SER C 248 -8.45 -15.40 7.05
N GLY C 249 -7.33 -15.04 7.65
CA GLY C 249 -6.15 -14.64 6.90
C GLY C 249 -6.16 -13.19 6.50
N LEU C 250 -7.00 -12.37 7.13
CA LEU C 250 -6.98 -10.97 6.76
C LEU C 250 -5.99 -10.33 7.69
N ASN C 251 -4.78 -10.18 7.19
CA ASN C 251 -3.72 -9.64 8.01
C ASN C 251 -3.89 -8.14 8.14
N GLY C 252 -3.27 -7.55 9.16
CA GLY C 252 -3.49 -6.17 9.49
C GLY C 252 -4.13 -5.97 10.85
N GLY C 253 -4.15 -4.74 11.29
CA GLY C 253 -4.55 -4.44 12.66
C GLY C 253 -5.96 -3.96 12.75
N LEU C 254 -6.36 -3.58 13.96
CA LEU C 254 -7.69 -3.04 14.19
C LEU C 254 -7.56 -1.79 15.05
N VAL C 255 -8.28 -0.73 14.69
CA VAL C 255 -8.28 0.43 15.55
C VAL C 255 -9.51 0.37 16.44
N VAL C 256 -9.31 0.49 17.75
CA VAL C 256 -10.43 0.64 18.68
C VAL C 256 -10.37 2.06 19.22
N ALA C 257 -11.39 2.85 18.87
CA ALA C 257 -11.50 4.23 19.28
C ALA C 257 -12.43 4.28 20.50
N ASN C 258 -11.85 4.67 21.62
CA ASN C 258 -12.48 4.69 22.93
C ASN C 258 -12.58 6.11 23.46
N PRO C 259 -13.80 6.65 23.53
CA PRO C 259 -13.99 8.06 23.92
C PRO C 259 -13.46 8.35 25.32
N ILE C 260 -12.86 9.52 25.47
CA ILE C 260 -12.34 9.95 26.76
C ILE C 260 -13.50 10.07 27.75
N PRO C 261 -13.26 9.72 29.02
CA PRO C 261 -14.35 9.91 29.99
C PRO C 261 -14.83 11.36 29.96
N GLU C 262 -16.14 11.56 30.13
CA GLU C 262 -16.73 12.90 30.02
C GLU C 262 -16.10 13.90 30.99
N GLN C 263 -15.70 13.40 32.15
CA GLN C 263 -15.16 14.23 33.22
C GLN C 263 -13.88 14.95 32.78
N PHE C 264 -13.08 14.28 31.96
CA PHE C 264 -11.78 14.78 31.52
C PHE C 264 -11.74 15.41 30.12
N ALA C 265 -12.88 15.47 29.45
CA ALA C 265 -12.94 16.04 28.10
C ALA C 265 -12.61 17.54 28.12
N MET C 266 -11.89 18.01 27.12
CA MET C 266 -11.59 19.44 27.01
C MET C 266 -12.83 20.21 26.56
N PRO C 267 -12.99 21.46 27.03
CA PRO C 267 -14.02 22.31 26.43
C PRO C 267 -13.73 22.49 24.94
N GLU C 268 -14.75 22.32 24.10
CA GLU C 268 -14.57 22.28 22.65
C GLU C 268 -13.93 23.55 22.04
N HIS C 269 -14.47 24.72 22.39
CA HIS C 269 -13.97 25.97 21.85
C HIS C 269 -12.50 26.16 22.22
N THR C 270 -12.20 25.97 23.49
CA THR C 270 -10.84 26.10 23.99
C THR C 270 -9.89 25.20 23.21
N ILE C 271 -10.19 23.90 23.18
CA ILE C 271 -9.26 22.92 22.61
C ILE C 271 -9.10 23.08 21.09
N ASN C 272 -10.19 23.37 20.39
CA ASN C 272 -10.10 23.58 18.95
C ASN C 272 -9.42 24.89 18.58
N ALA C 273 -9.59 25.91 19.41
CA ALA C 273 -8.85 27.17 19.22
C ALA C 273 -7.35 26.94 19.40
N ALA C 274 -7.01 26.20 20.46
CA ALA C 274 -5.61 25.86 20.74
C ALA C 274 -4.97 25.04 19.63
N ILE C 275 -5.69 24.01 19.16
CA ILE C 275 -5.20 23.19 18.06
C ILE C 275 -5.04 24.02 16.78
N ASP C 276 -6.06 24.80 16.42
CA ASP C 276 -5.95 25.58 15.19
C ASP C 276 -4.76 26.55 15.24
N GLN C 277 -4.56 27.18 16.40
CA GLN C 277 -3.39 28.05 16.56
C GLN C 277 -2.07 27.29 16.46
N ALA C 278 -1.97 26.14 17.15
CA ALA C 278 -0.73 25.36 17.10
C ALA C 278 -0.42 24.92 15.68
N VAL C 279 -1.45 24.54 14.92
CA VAL C 279 -1.23 24.13 13.53
C VAL C 279 -0.74 25.31 12.70
N ALA C 280 -1.36 26.47 12.89
CA ALA C 280 -0.92 27.67 12.18
C ALA C 280 0.55 28.00 12.48
N GLU C 281 0.91 27.98 13.76
CA GLU C 281 2.28 28.26 14.17
C GLU C 281 3.24 27.24 13.58
N ALA C 282 2.86 25.96 13.60
CA ALA C 282 3.67 24.90 13.01
C ALA C 282 3.96 25.21 11.56
N GLU C 283 2.92 25.58 10.82
CA GLU C 283 3.10 25.97 9.41
C GLU C 283 4.10 27.13 9.30
N ALA C 284 3.85 28.19 10.05
CA ALA C 284 4.68 29.38 9.98
C ALA C 284 6.15 29.13 10.33
N GLN C 285 6.40 28.19 11.23
CA GLN C 285 7.75 27.92 11.73
C GLN C 285 8.45 26.87 10.87
N GLY C 286 7.71 26.32 9.91
CA GLY C 286 8.25 25.34 9.01
C GLY C 286 8.47 23.98 9.65
N VAL C 287 7.72 23.68 10.71
CA VAL C 287 7.81 22.37 11.34
C VAL C 287 7.22 21.32 10.41
N ILE C 288 8.03 20.32 10.04
CA ILE C 288 7.58 19.29 9.11
C ILE C 288 8.01 17.92 9.58
N GLY C 289 7.47 16.89 8.93
CA GLY C 289 7.90 15.54 9.18
C GLY C 289 7.69 15.04 10.60
N LYS C 290 8.63 14.22 11.05
CA LYS C 290 8.51 13.57 12.33
C LYS C 290 8.48 14.59 13.48
N GLU C 291 8.87 15.83 13.20
CA GLU C 291 8.80 16.86 14.25
C GLU C 291 7.38 17.43 14.48
N SER C 292 6.47 17.20 13.54
CA SER C 292 5.15 17.83 13.61
C SER C 292 4.35 17.47 14.86
N THR C 293 4.10 16.19 15.07
CA THR C 293 3.22 15.79 16.16
C THR C 293 3.75 16.19 17.55
N PRO C 294 5.05 15.97 17.80
CA PRO C 294 5.58 16.39 19.11
C PRO C 294 5.42 17.89 19.31
N PHE C 295 5.71 18.65 18.27
CA PHE C 295 5.58 20.10 18.34
C PHE C 295 4.16 20.51 18.68
N LEU C 296 3.20 19.96 17.94
CA LEU C 296 1.80 20.32 18.12
C LEU C 296 1.27 19.97 19.50
N LEU C 297 1.55 18.75 19.97
CA LEU C 297 1.01 18.37 21.29
C LEU C 297 1.57 19.27 22.39
N ALA C 298 2.87 19.57 22.31
CA ALA C 298 3.52 20.40 23.32
C ALA C 298 2.92 21.79 23.34
N ARG C 299 2.69 22.34 22.14
CA ARG C 299 2.17 23.69 22.01
C ARG C 299 0.71 23.80 22.49
N VAL C 300 -0.12 22.82 22.14
CA VAL C 300 -1.49 22.79 22.65
C VAL C 300 -1.49 22.74 24.19
N ALA C 301 -0.62 21.90 24.76
CA ALA C 301 -0.50 21.84 26.21
C ALA C 301 -0.16 23.22 26.76
N GLU C 302 0.82 23.88 26.16
CA GLU C 302 1.20 25.22 26.57
C GLU C 302 0.02 26.20 26.50
N LEU C 303 -0.71 26.16 25.39
CA LEU C 303 -1.78 27.10 25.14
C LEU C 303 -3.00 26.88 26.06
N THR C 304 -3.17 25.65 26.52
CA THR C 304 -4.25 25.30 27.44
C THR C 304 -3.78 25.27 28.90
N GLY C 305 -2.55 25.68 29.14
CA GLY C 305 -2.02 25.73 30.50
C GLY C 305 -1.95 24.37 31.16
N GLY C 306 -1.64 23.35 30.36
CA GLY C 306 -1.51 21.99 30.87
C GLY C 306 -2.76 21.13 30.84
N ASP C 307 -3.92 21.75 30.64
CA ASP C 307 -5.18 20.98 30.69
C ASP C 307 -5.24 19.86 29.63
N SER C 308 -4.77 20.17 28.43
CA SER C 308 -4.81 19.18 27.35
C SER C 308 -3.99 17.95 27.71
N LEU C 309 -2.86 18.18 28.38
CA LEU C 309 -1.99 17.09 28.80
C LEU C 309 -2.69 16.24 29.86
N LYS C 310 -3.37 16.88 30.81
CA LYS C 310 -4.08 16.12 31.83
C LYS C 310 -5.16 15.24 31.17
N SER C 311 -5.80 15.78 30.14
CA SER C 311 -6.78 15.01 29.38
C SER C 311 -6.14 13.81 28.71
N ASN C 312 -5.01 14.05 28.04
CA ASN C 312 -4.24 12.99 27.39
C ASN C 312 -3.92 11.88 28.38
N ILE C 313 -3.48 12.28 29.57
CA ILE C 313 -3.17 11.29 30.60
C ILE C 313 -4.39 10.43 30.96
N GLN C 314 -5.52 11.08 31.21
CA GLN C 314 -6.73 10.31 31.55
C GLN C 314 -7.18 9.38 30.41
N LEU C 315 -7.11 9.86 29.18
CA LEU C 315 -7.53 9.00 28.07
C LEU C 315 -6.58 7.80 27.93
N VAL C 316 -5.30 8.01 28.19
CA VAL C 316 -4.35 6.88 28.21
C VAL C 316 -4.73 5.84 29.26
N PHE C 317 -5.03 6.28 30.48
CA PHE C 317 -5.49 5.33 31.50
C PHE C 317 -6.75 4.55 31.06
N ASN C 318 -7.75 5.28 30.60
CA ASN C 318 -9.01 4.68 30.15
C ASN C 318 -8.77 3.63 29.06
N ASN C 319 -7.88 3.97 28.14
CA ASN C 319 -7.57 3.07 27.04
C ASN C 319 -6.87 1.83 27.54
N ALA C 320 -6.05 1.97 28.58
CA ALA C 320 -5.38 0.81 29.14
C ALA C 320 -6.36 -0.11 29.86
N ILE C 321 -7.38 0.45 30.50
CA ILE C 321 -8.41 -0.40 31.11
C ILE C 321 -9.15 -1.21 30.03
N LEU C 322 -9.67 -0.50 29.03
CA LEU C 322 -10.36 -1.20 27.93
C LEU C 322 -9.47 -2.25 27.25
N ALA C 323 -8.22 -1.88 26.97
CA ALA C 323 -7.26 -2.79 26.36
C ALA C 323 -7.03 -4.02 27.23
N SER C 324 -6.98 -3.82 28.54
CA SER C 324 -6.89 -4.95 29.46
C SER C 324 -8.05 -5.91 29.27
N GLU C 325 -9.27 -5.38 29.21
CA GLU C 325 -10.42 -6.27 29.02
C GLU C 325 -10.36 -7.00 27.66
N ILE C 326 -10.00 -6.28 26.61
CA ILE C 326 -9.90 -6.91 25.29
C ILE C 326 -8.86 -8.03 25.31
N ALA C 327 -7.71 -7.78 25.95
CA ALA C 327 -6.67 -8.80 26.01
C ALA C 327 -7.12 -10.03 26.79
N LYS C 328 -7.82 -9.79 27.91
CA LYS C 328 -8.37 -10.90 28.70
C LYS C 328 -9.30 -11.77 27.85
N GLU C 329 -10.31 -11.12 27.26
CA GLU C 329 -11.28 -11.83 26.42
C GLU C 329 -10.60 -12.56 25.27
N TYR C 330 -9.60 -11.93 24.66
CA TYR C 330 -8.89 -12.55 23.54
C TYR C 330 -8.13 -13.79 23.98
N GLN C 331 -7.43 -13.69 25.11
CA GLN C 331 -6.72 -14.85 25.63
C GLN C 331 -7.69 -16.00 25.89
N ARG C 332 -8.87 -15.67 26.39
CA ARG C 332 -9.89 -16.70 26.68
C ARG C 332 -10.39 -17.44 25.44
N LEU C 333 -10.19 -16.87 24.25
CA LEU C 333 -10.67 -17.50 23.01
C LEU C 333 -9.55 -18.23 22.28
#